data_6MSS
#
_entry.id   6MSS
#
_cell.length_a   42.580
_cell.length_b   141.260
_cell.length_c   170.670
_cell.angle_alpha   90.00
_cell.angle_beta   90.00
_cell.angle_gamma   90.00
#
_symmetry.space_group_name_H-M   'P 21 21 21'
#
loop_
_entity.id
_entity.type
_entity.pdbx_description
1 polymer 'A11B8.2 NKT TCR alpha-chain'
2 polymer 'A11B8.2 NKT TCR beta-chain'
3 polymer 'Antigen-presenting glycoprotein CD1d1'
4 polymer Beta-2-microglobulin
5 branched 2-acetamido-2-deoxy-beta-D-glucopyranose-(1-4)-2-acetamido-2-deoxy-beta-D-glucopyranose
6 non-polymer 2-acetamido-2-deoxy-beta-D-glucopyranose
7 non-polymer '(2S)-2-(heptadecanoyloxy)-3-{[(10S)-10-methyloctadecanoyl]oxy}propyl alpha-D-glucopyranosiduronic acid'
8 water water
#
loop_
_entity_poly.entity_id
_entity_poly.type
_entity_poly.pdbx_seq_one_letter_code
_entity_poly.pdbx_strand_id
1 'polypeptide(L)'
;MGMPVEQNPPALSLYEGADSGLRCNFSTTMKSVQWFQQNHRGRLITLFYLAQGTKENGRLKSTFNSKERYSTLHIKDAQL
EDSGTYFCAAVNMGYKLTFGTGTSLLVDPNIQNPDPAVYQLRDSKSSDKSVCLFTDFDSQTNVSQSKDSDVYITDKCVLD
MRSMDFKSNSAVAWSNKSDFACANAFNNSIIPEDTFFPSPESS
;
A
2 'polypeptide(L)'
;MEAAVTQSPRNKVAVTGGKVTLSCNQTNNHNNMYWYRQDTGHGLRLIHYSYGAGSTEKGDIPDGYKASRPSQENFSLILE
LATPSQTSVYFCASGDPQGVSYEQYFGPGTRLTVLEDLKNVFPPEVAVFEPSEAEISHTQKATLVCLATGFYPDHVELSW
WVNGKEVHSGVCTDPQPLKEQPALNDSRYALSSRLRVSATFWQNPRNHFRCQVQFYGLSENDEWTQDRAKPVTQIVSAEA
WGRAD
;
B
3 'polypeptide(L)'
;SEAQQKNYTFRCLQMSSFANRSWSRTDSVVWLGDLQTHRWSNDSATISFTKPWSQGKLSNQQWEKLQHMFQVYRVSFTRD
IQELVKMMSPKEDYPIEIQLSAGCEMYPGNASESFLHVAFQGKYVVRFWGTSWQTVPGAPSWLDLPIKVLNADQGTSATV
QMLLNDTCPLFVRGLLEAGKSDLEKQEKPVAWLSSVPSSAHGHRQLVCHVSGFYPKPVWVMWMRGDQEQQGTHRGDFLPN
ADETWYLQATLDVEAGEEAGLACRVKHSSLGGQDIILYWGSLHHILDAQKMVWNHRHHHHHH
;
C
4 'polypeptide(L)'
;IQKTPQIQVYSRHPPENGKPNILNCYVTQFHPPHIEIQMLKNGKKIPKVEMSDMSFSKDWSFYILAHTEFTPTETDTYAC
RVKHASMAEPKTVYWDRDM
;
D
#
loop_
_chem_comp.id
_chem_comp.type
_chem_comp.name
_chem_comp.formula
NAG D-saccharide, beta linking 2-acetamido-2-deoxy-beta-D-glucopyranose 'C8 H15 N O6'
SRV non-polymer '(2S)-2-(heptadecanoyloxy)-3-{[(10S)-10-methyloctadecanoyl]oxy}propyl alpha-D-glucopyranosiduronic acid' 'C45 H84 O11'
#
# COMPACT_ATOMS: atom_id res chain seq x y z
N MET A 3 -12.21 -6.34 4.06
CA MET A 3 -11.44 -6.60 2.84
C MET A 3 -10.91 -5.27 2.22
N PRO A 4 -9.62 -5.17 1.86
CA PRO A 4 -9.09 -3.90 1.31
C PRO A 4 -9.50 -3.64 -0.16
N VAL A 5 -9.72 -4.69 -0.97
CA VAL A 5 -10.16 -4.57 -2.36
C VAL A 5 -11.43 -5.43 -2.52
N GLU A 6 -12.60 -4.74 -2.50
CA GLU A 6 -13.93 -5.34 -2.60
C GLU A 6 -14.45 -5.19 -4.03
N GLN A 7 -14.59 -6.34 -4.73
CA GLN A 7 -15.07 -6.44 -6.11
C GLN A 7 -16.51 -6.98 -6.14
N ASN A 8 -17.46 -6.22 -6.76
CA ASN A 8 -18.87 -6.62 -6.85
C ASN A 8 -19.46 -6.39 -8.27
N PRO A 9 -20.29 -7.34 -8.79
CA PRO A 9 -20.67 -8.66 -8.22
C PRO A 9 -19.56 -9.73 -8.41
N PRO A 10 -19.60 -10.92 -7.76
CA PRO A 10 -18.55 -11.93 -8.02
C PRO A 10 -18.69 -12.54 -9.42
N ALA A 11 -19.92 -12.54 -9.93
CA ALA A 11 -20.31 -13.05 -11.23
C ALA A 11 -21.33 -12.12 -11.86
N LEU A 12 -21.12 -11.83 -13.14
CA LEU A 12 -21.98 -11.04 -13.99
C LEU A 12 -22.25 -11.82 -15.29
N SER A 13 -23.49 -11.76 -15.77
CA SER A 13 -24.00 -12.48 -16.93
C SER A 13 -24.81 -11.52 -17.78
N LEU A 14 -24.19 -10.93 -18.81
CA LEU A 14 -24.88 -9.93 -19.64
C LEU A 14 -25.00 -10.39 -21.12
N TYR A 15 -26.04 -9.90 -21.83
CA TYR A 15 -26.28 -10.23 -23.23
C TYR A 15 -25.29 -9.54 -24.18
N GLU A 16 -25.25 -10.00 -25.47
CA GLU A 16 -24.36 -9.44 -26.51
C GLU A 16 -24.84 -8.07 -26.95
N GLY A 17 -23.91 -7.14 -27.07
CA GLY A 17 -24.20 -5.77 -27.48
C GLY A 17 -24.62 -4.85 -26.35
N ALA A 18 -24.76 -5.41 -25.14
CA ALA A 18 -25.14 -4.69 -23.93
C ALA A 18 -23.98 -3.85 -23.40
N ASP A 19 -24.32 -2.73 -22.77
CA ASP A 19 -23.33 -1.88 -22.11
C ASP A 19 -23.42 -2.16 -20.63
N SER A 20 -22.31 -2.55 -19.98
CA SER A 20 -22.28 -2.77 -18.53
C SER A 20 -21.02 -2.19 -17.91
N GLY A 21 -20.97 -2.17 -16.58
CA GLY A 21 -19.85 -1.66 -15.81
C GLY A 21 -19.60 -2.43 -14.53
N LEU A 22 -18.31 -2.62 -14.20
CA LEU A 22 -17.81 -3.30 -12.99
C LEU A 22 -17.25 -2.28 -12.03
N ARG A 23 -17.46 -2.51 -10.72
CA ARG A 23 -16.97 -1.60 -9.68
C ARG A 23 -15.96 -2.30 -8.77
N CYS A 24 -15.09 -1.50 -8.14
CA CYS A 24 -14.04 -1.90 -7.20
C CYS A 24 -14.06 -0.89 -6.04
N ASN A 25 -14.29 -1.36 -4.82
CA ASN A 25 -14.32 -0.45 -3.67
C ASN A 25 -13.11 -0.71 -2.80
N PHE A 26 -12.62 0.34 -2.13
CA PHE A 26 -11.42 0.22 -1.31
C PHE A 26 -11.67 0.63 0.14
N SER A 27 -11.07 -0.11 1.09
CA SER A 27 -11.19 0.17 2.51
C SER A 27 -10.33 1.37 2.90
N THR A 28 -9.33 1.71 2.07
CA THR A 28 -8.45 2.87 2.31
C THR A 28 -8.06 3.55 0.99
N THR A 29 -7.23 4.60 1.09
CA THR A 29 -6.73 5.38 -0.03
C THR A 29 -5.62 4.59 -0.68
N MET A 30 -5.80 4.30 -1.96
CA MET A 30 -4.88 3.48 -2.74
C MET A 30 -4.07 4.38 -3.67
N LYS A 31 -2.83 4.02 -3.95
CA LYS A 31 -1.89 4.83 -4.73
C LYS A 31 -2.14 4.70 -6.23
N SER A 32 -2.65 3.53 -6.67
CA SER A 32 -2.93 3.21 -8.06
C SER A 32 -3.92 2.02 -8.17
N VAL A 33 -4.35 1.70 -9.40
CA VAL A 33 -5.25 0.59 -9.73
C VAL A 33 -4.79 0.00 -11.05
N GLN A 34 -4.99 -1.33 -11.20
CA GLN A 34 -4.61 -2.05 -12.42
C GLN A 34 -5.68 -3.06 -12.72
N TRP A 35 -6.34 -2.95 -13.89
CA TRP A 35 -7.38 -3.89 -14.25
C TRP A 35 -6.84 -4.97 -15.16
N PHE A 36 -7.31 -6.19 -14.92
CA PHE A 36 -6.93 -7.39 -15.67
C PHE A 36 -8.10 -8.14 -16.20
N GLN A 37 -7.89 -8.81 -17.34
CA GLN A 37 -8.85 -9.75 -17.87
C GLN A 37 -8.18 -11.08 -17.92
N GLN A 38 -8.72 -12.02 -17.18
CA GLN A 38 -8.20 -13.35 -17.19
C GLN A 38 -9.09 -14.16 -18.11
N ASN A 39 -8.50 -14.76 -19.17
CA ASN A 39 -9.29 -15.51 -20.14
C ASN A 39 -9.59 -16.92 -19.60
N HIS A 40 -10.31 -17.72 -20.40
CA HIS A 40 -10.71 -19.08 -20.04
C HIS A 40 -9.53 -20.03 -20.11
N ARG A 41 -8.40 -19.59 -20.71
CA ARG A 41 -7.13 -20.32 -20.84
C ARG A 41 -6.17 -19.95 -19.68
N GLY A 42 -6.68 -19.20 -18.69
CA GLY A 42 -5.97 -18.78 -17.47
C GLY A 42 -5.01 -17.60 -17.55
N ARG A 43 -4.75 -17.07 -18.75
CA ARG A 43 -3.83 -15.95 -18.98
C ARG A 43 -4.40 -14.60 -18.50
N LEU A 44 -3.59 -13.86 -17.73
CA LEU A 44 -3.86 -12.52 -17.22
C LEU A 44 -3.40 -11.48 -18.22
N ILE A 45 -4.30 -10.62 -18.72
CA ILE A 45 -3.89 -9.58 -19.66
C ILE A 45 -4.37 -8.20 -19.12
N THR A 46 -3.41 -7.27 -18.91
CA THR A 46 -3.66 -5.93 -18.39
C THR A 46 -4.58 -5.16 -19.33
N LEU A 47 -5.62 -4.56 -18.78
CA LEU A 47 -6.54 -3.74 -19.56
C LEU A 47 -6.18 -2.27 -19.41
N PHE A 48 -5.85 -1.85 -18.17
CA PHE A 48 -5.55 -0.47 -17.77
C PHE A 48 -4.69 -0.39 -16.52
N TYR A 49 -3.81 0.64 -16.45
CA TYR A 49 -3.04 1.03 -15.28
C TYR A 49 -3.33 2.53 -15.02
N LEU A 50 -3.87 2.90 -13.83
CA LEU A 50 -4.20 4.29 -13.50
C LEU A 50 -3.71 4.72 -12.11
N ALA A 51 -3.19 5.95 -12.00
CA ALA A 51 -2.77 6.57 -10.74
C ALA A 51 -3.72 7.73 -10.42
N GLN A 52 -4.55 8.09 -11.42
CA GLN A 52 -5.50 9.18 -11.43
C GLN A 52 -6.38 9.09 -12.69
N GLY A 53 -7.42 9.93 -12.74
CA GLY A 53 -8.30 10.12 -13.88
C GLY A 53 -8.93 8.92 -14.55
N THR A 54 -9.29 9.09 -15.83
CA THR A 54 -9.95 8.10 -16.69
C THR A 54 -9.00 7.67 -17.82
N LYS A 55 -9.24 6.49 -18.36
CA LYS A 55 -8.52 5.92 -19.49
C LYS A 55 -9.53 5.16 -20.35
N GLU A 56 -9.48 5.40 -21.66
CA GLU A 56 -10.34 4.70 -22.61
C GLU A 56 -9.46 3.91 -23.57
N ASN A 57 -9.82 2.68 -23.86
CA ASN A 57 -9.08 1.85 -24.82
C ASN A 57 -10.10 1.06 -25.65
N GLY A 58 -10.66 1.74 -26.66
CA GLY A 58 -11.69 1.17 -27.52
C GLY A 58 -13.04 0.99 -26.85
N ARG A 59 -13.50 -0.27 -26.76
CA ARG A 59 -14.80 -0.58 -26.15
C ARG A 59 -14.76 -0.53 -24.63
N LEU A 60 -13.55 -0.39 -24.04
CA LEU A 60 -13.37 -0.33 -22.58
C LEU A 60 -12.96 1.06 -22.10
N LYS A 61 -13.37 1.38 -20.87
CA LYS A 61 -13.10 2.65 -20.17
C LYS A 61 -12.88 2.36 -18.67
N SER A 62 -11.93 3.06 -18.02
CA SER A 62 -11.67 2.87 -16.60
C SER A 62 -11.38 4.16 -15.94
N THR A 63 -11.93 4.34 -14.72
CA THR A 63 -11.77 5.55 -13.91
C THR A 63 -11.34 5.15 -12.50
N PHE A 64 -10.48 5.97 -11.88
CA PHE A 64 -9.94 5.72 -10.55
C PHE A 64 -10.03 7.00 -9.69
N ASN A 65 -10.89 6.96 -8.67
CA ASN A 65 -11.11 8.02 -7.70
C ASN A 65 -10.46 7.61 -6.35
N SER A 66 -9.26 8.18 -6.04
CA SER A 66 -8.50 7.89 -4.81
C SER A 66 -9.32 8.31 -3.58
N LYS A 67 -9.85 9.54 -3.60
CA LYS A 67 -10.62 10.14 -2.52
C LYS A 67 -11.96 9.44 -2.31
N GLU A 68 -12.65 9.04 -3.41
CA GLU A 68 -13.97 8.41 -3.31
C GLU A 68 -13.88 6.89 -3.11
N ARG A 69 -12.64 6.37 -2.99
CA ARG A 69 -12.26 4.98 -2.71
C ARG A 69 -12.95 3.96 -3.65
N TYR A 70 -12.86 4.18 -4.96
CA TYR A 70 -13.40 3.27 -5.95
C TYR A 70 -12.63 3.38 -7.27
N SER A 71 -12.79 2.37 -8.13
CA SER A 71 -12.36 2.27 -9.51
C SER A 71 -13.40 1.52 -10.31
N THR A 72 -13.73 2.01 -11.51
CA THR A 72 -14.73 1.38 -12.36
C THR A 72 -14.14 0.93 -13.70
N LEU A 73 -14.78 -0.09 -14.32
CA LEU A 73 -14.45 -0.60 -15.65
C LEU A 73 -15.74 -0.72 -16.42
N HIS A 74 -15.86 0.03 -17.51
CA HIS A 74 -17.03 0.09 -18.38
C HIS A 74 -16.79 -0.71 -19.66
N ILE A 75 -17.76 -1.52 -20.06
CA ILE A 75 -17.74 -2.32 -21.28
C ILE A 75 -18.88 -1.84 -22.19
N LYS A 76 -18.53 -1.18 -23.31
CA LYS A 76 -19.50 -0.69 -24.28
C LYS A 76 -19.63 -1.73 -25.34
N ASP A 77 -20.87 -2.14 -25.67
CA ASP A 77 -21.20 -3.17 -26.68
C ASP A 77 -20.42 -4.50 -26.44
N ALA A 78 -20.87 -5.29 -25.43
CA ALA A 78 -20.26 -6.55 -25.03
C ALA A 78 -20.26 -7.61 -26.14
N GLN A 79 -19.14 -8.36 -26.24
CA GLN A 79 -18.88 -9.43 -27.22
C GLN A 79 -18.39 -10.69 -26.47
N LEU A 80 -18.39 -11.87 -27.12
CA LEU A 80 -17.89 -13.11 -26.51
C LEU A 80 -16.50 -12.90 -25.90
N GLU A 81 -15.57 -12.23 -26.65
CA GLU A 81 -14.18 -11.94 -26.29
C GLU A 81 -14.04 -11.21 -24.93
N ASP A 82 -15.14 -10.63 -24.42
CA ASP A 82 -15.13 -9.95 -23.15
C ASP A 82 -15.32 -10.93 -21.99
N SER A 83 -15.76 -12.17 -22.26
CA SER A 83 -15.92 -13.20 -21.22
C SER A 83 -14.60 -13.43 -20.46
N GLY A 84 -14.71 -13.81 -19.19
CA GLY A 84 -13.59 -14.09 -18.31
C GLY A 84 -13.62 -13.33 -17.00
N THR A 85 -12.72 -13.71 -16.07
CA THR A 85 -12.61 -13.11 -14.75
C THR A 85 -11.84 -11.78 -14.82
N TYR A 86 -12.45 -10.70 -14.34
CA TYR A 86 -11.87 -9.37 -14.33
C TYR A 86 -11.33 -9.04 -12.98
N PHE A 87 -10.01 -8.92 -12.89
CA PHE A 87 -9.35 -8.61 -11.62
C PHE A 87 -9.00 -7.16 -11.51
N CYS A 88 -9.17 -6.68 -10.30
CA CYS A 88 -8.89 -5.32 -9.91
C CYS A 88 -7.92 -5.41 -8.75
N ALA A 89 -6.79 -4.78 -8.94
CA ALA A 89 -5.68 -4.76 -8.02
C ALA A 89 -5.24 -3.31 -7.79
N ALA A 90 -5.22 -2.87 -6.54
CA ALA A 90 -4.79 -1.51 -6.18
C ALA A 90 -3.49 -1.53 -5.40
N VAL A 91 -2.80 -0.40 -5.28
CA VAL A 91 -1.54 -0.35 -4.52
C VAL A 91 -1.84 0.29 -3.18
N ASN A 92 -1.63 -0.45 -2.07
CA ASN A 92 -1.91 0.08 -0.73
CA ASN A 92 -1.91 0.07 -0.73
C ASN A 92 -0.64 0.69 -0.11
N MET A 93 -0.77 1.32 1.07
CA MET A 93 0.33 1.92 1.82
C MET A 93 1.36 0.81 2.05
N GLY A 94 2.60 1.07 1.67
CA GLY A 94 3.67 0.08 1.71
C GLY A 94 3.98 -0.44 0.30
N TYR A 95 3.42 0.25 -0.71
CA TYR A 95 3.58 0.06 -2.15
C TYR A 95 3.22 -1.36 -2.64
N LYS A 96 2.35 -2.07 -1.88
CA LYS A 96 1.92 -3.44 -2.14
C LYS A 96 0.65 -3.51 -3.01
N LEU A 97 0.77 -4.20 -4.17
CA LEU A 97 -0.34 -4.48 -5.10
C LEU A 97 -1.23 -5.55 -4.44
N THR A 98 -2.52 -5.19 -4.21
CA THR A 98 -3.51 -6.04 -3.54
C THR A 98 -4.60 -6.38 -4.56
N PHE A 99 -4.85 -7.69 -4.82
CA PHE A 99 -5.87 -8.17 -5.75
C PHE A 99 -7.20 -8.49 -5.09
N GLY A 100 -8.30 -8.15 -5.76
CA GLY A 100 -9.66 -8.46 -5.32
C GLY A 100 -10.01 -9.88 -5.76
N THR A 101 -11.04 -10.49 -5.13
CA THR A 101 -11.50 -11.86 -5.40
C THR A 101 -11.84 -12.12 -6.88
N GLY A 102 -12.27 -11.09 -7.61
CA GLY A 102 -12.58 -11.16 -9.04
C GLY A 102 -14.04 -11.09 -9.42
N THR A 103 -14.31 -10.74 -10.70
CA THR A 103 -15.66 -10.72 -11.26
C THR A 103 -15.64 -11.56 -12.52
N SER A 104 -16.26 -12.74 -12.48
CA SER A 104 -16.31 -13.62 -13.64
C SER A 104 -17.41 -13.14 -14.59
N LEU A 105 -17.05 -12.82 -15.83
CA LEU A 105 -18.01 -12.31 -16.80
C LEU A 105 -18.41 -13.36 -17.83
N LEU A 106 -19.71 -13.40 -18.14
CA LEU A 106 -20.27 -14.30 -19.13
C LEU A 106 -21.19 -13.55 -20.10
N VAL A 107 -20.72 -13.42 -21.37
CA VAL A 107 -21.44 -12.73 -22.43
C VAL A 107 -22.27 -13.75 -23.16
N ASP A 108 -23.59 -13.57 -23.13
CA ASP A 108 -24.51 -14.53 -23.72
C ASP A 108 -25.18 -13.98 -24.98
N PRO A 109 -25.36 -14.80 -26.04
CA PRO A 109 -26.10 -14.30 -27.21
C PRO A 109 -27.60 -14.26 -26.92
N ASN A 110 -28.34 -13.40 -27.63
CA ASN A 110 -29.78 -13.27 -27.44
CA ASN A 110 -29.78 -13.27 -27.44
C ASN A 110 -30.49 -14.41 -28.17
N ILE A 111 -30.76 -15.55 -27.47
CA ILE A 111 -31.44 -16.72 -28.07
C ILE A 111 -32.90 -16.36 -28.35
N GLN A 112 -33.19 -16.03 -29.63
CA GLN A 112 -34.48 -15.54 -30.11
C GLN A 112 -35.58 -16.60 -30.13
N ASN A 113 -35.42 -17.66 -30.94
CA ASN A 113 -36.44 -18.71 -31.06
C ASN A 113 -35.91 -20.02 -30.44
N PRO A 114 -36.11 -20.21 -29.10
CA PRO A 114 -35.61 -21.41 -28.45
C PRO A 114 -36.35 -22.67 -28.90
N ASP A 115 -35.60 -23.76 -29.08
CA ASP A 115 -36.13 -25.06 -29.50
C ASP A 115 -35.60 -26.17 -28.55
N PRO A 116 -35.90 -26.15 -27.23
CA PRO A 116 -35.34 -27.18 -26.34
C PRO A 116 -35.52 -28.60 -26.90
N ALA A 117 -34.42 -29.37 -27.00
CA ALA A 117 -34.47 -30.73 -27.55
C ALA A 117 -33.37 -31.65 -27.01
N VAL A 118 -33.60 -32.99 -27.12
CA VAL A 118 -32.69 -34.04 -26.66
C VAL A 118 -32.41 -34.99 -27.85
N TYR A 119 -31.13 -35.18 -28.13
CA TYR A 119 -30.66 -35.99 -29.24
C TYR A 119 -29.68 -37.05 -28.77
N GLN A 120 -29.73 -38.27 -29.35
CA GLN A 120 -28.79 -39.34 -29.05
C GLN A 120 -27.72 -39.43 -30.17
N LEU A 121 -26.45 -39.18 -29.82
CA LEU A 121 -25.31 -39.21 -30.75
C LEU A 121 -24.60 -40.55 -30.65
N ARG A 122 -24.33 -41.21 -31.80
CA ARG A 122 -23.62 -42.49 -31.77
C ARG A 122 -22.09 -42.25 -31.81
N ASP A 123 -21.28 -43.19 -31.26
CA ASP A 123 -19.81 -43.03 -31.26
C ASP A 123 -19.19 -43.25 -32.64
N SER A 124 -17.96 -42.71 -32.84
CA SER A 124 -17.17 -42.84 -34.08
C SER A 124 -16.52 -44.21 -34.21
N LYS A 125 -16.14 -44.85 -33.08
CA LYS A 125 -15.54 -46.20 -33.04
C LYS A 125 -16.65 -47.22 -32.73
N SER A 126 -16.84 -48.22 -33.63
CA SER A 126 -17.81 -49.32 -33.57
C SER A 126 -19.26 -48.82 -33.27
N LYS A 129 -19.75 -46.27 -26.88
CA LYS A 129 -21.02 -46.09 -26.16
C LYS A 129 -21.93 -45.06 -26.89
N SER A 130 -22.79 -44.34 -26.14
CA SER A 130 -23.69 -43.32 -26.67
C SER A 130 -23.76 -42.10 -25.72
N VAL A 131 -24.00 -40.92 -26.30
CA VAL A 131 -24.10 -39.65 -25.60
C VAL A 131 -25.46 -38.99 -25.92
N CYS A 132 -26.05 -38.26 -24.95
CA CYS A 132 -27.28 -37.50 -25.08
C CYS A 132 -26.93 -36.02 -25.09
N LEU A 133 -27.70 -35.23 -25.86
CA LEU A 133 -27.43 -33.81 -25.98
C LEU A 133 -28.68 -32.96 -25.80
N PHE A 134 -28.64 -32.11 -24.77
CA PHE A 134 -29.70 -31.15 -24.49
C PHE A 134 -29.20 -29.82 -25.02
N THR A 135 -29.78 -29.36 -26.14
CA THR A 135 -29.38 -28.13 -26.80
C THR A 135 -30.58 -27.30 -27.17
N ASP A 136 -30.33 -26.06 -27.62
CA ASP A 136 -31.28 -25.05 -28.11
C ASP A 136 -32.29 -24.58 -27.04
N PHE A 137 -31.83 -24.47 -25.79
CA PHE A 137 -32.66 -23.94 -24.71
C PHE A 137 -32.29 -22.44 -24.53
N ASP A 138 -33.03 -21.73 -23.65
CA ASP A 138 -32.78 -20.30 -23.42
C ASP A 138 -31.74 -20.07 -22.29
N SER A 139 -31.65 -18.83 -21.78
CA SER A 139 -30.72 -18.43 -20.71
C SER A 139 -31.36 -18.71 -19.36
N GLN A 140 -32.69 -18.54 -19.28
CA GLN A 140 -33.51 -18.78 -18.10
C GLN A 140 -33.85 -20.29 -18.01
N THR A 141 -32.87 -21.15 -18.35
CA THR A 141 -32.97 -22.61 -18.29
C THR A 141 -31.87 -23.13 -17.40
N ASN A 142 -32.26 -23.95 -16.40
CA ASN A 142 -31.35 -24.57 -15.45
C ASN A 142 -31.28 -26.05 -15.74
N VAL A 143 -30.04 -26.58 -15.79
CA VAL A 143 -29.79 -28.00 -16.08
C VAL A 143 -29.73 -28.75 -14.72
N SER A 144 -30.37 -29.94 -14.65
CA SER A 144 -30.43 -30.75 -13.43
C SER A 144 -29.12 -31.58 -13.24
N GLN A 145 -29.11 -32.49 -12.23
CA GLN A 145 -27.99 -33.39 -11.90
C GLN A 145 -28.51 -34.83 -11.67
N SER A 146 -27.74 -35.70 -10.95
CA SER A 146 -28.04 -37.12 -10.64
C SER A 146 -28.15 -37.95 -11.91
N SER A 149 -27.87 -41.91 -10.83
CA SER A 149 -26.59 -41.58 -10.16
C SER A 149 -25.37 -42.08 -10.96
N ASP A 150 -25.50 -43.24 -11.65
CA ASP A 150 -24.45 -43.81 -12.51
C ASP A 150 -24.53 -43.15 -13.90
N VAL A 151 -25.31 -42.05 -13.96
CA VAL A 151 -25.56 -41.17 -15.11
C VAL A 151 -24.86 -39.85 -14.84
N TYR A 152 -24.07 -39.36 -15.82
CA TYR A 152 -23.36 -38.07 -15.69
C TYR A 152 -24.00 -37.01 -16.58
N ILE A 153 -24.23 -35.81 -16.02
CA ILE A 153 -24.85 -34.67 -16.73
C ILE A 153 -23.95 -33.45 -16.57
N THR A 154 -23.55 -32.83 -17.68
CA THR A 154 -22.70 -31.64 -17.64
C THR A 154 -23.54 -30.37 -17.38
N ASP A 155 -22.91 -29.31 -16.83
CA ASP A 155 -23.61 -28.03 -16.66
C ASP A 155 -23.64 -27.33 -18.02
N LYS A 156 -24.36 -26.21 -18.15
CA LYS A 156 -24.30 -25.43 -19.39
C LYS A 156 -22.81 -25.18 -19.74
N CYS A 157 -22.40 -25.45 -20.98
CA CYS A 157 -21.02 -25.23 -21.40
C CYS A 157 -20.74 -23.71 -21.51
N VAL A 158 -19.47 -23.36 -21.68
CA VAL A 158 -18.97 -21.99 -21.83
C VAL A 158 -18.46 -21.84 -23.26
N LEU A 159 -19.13 -20.98 -24.06
CA LEU A 159 -18.80 -20.70 -25.48
C LEU A 159 -17.38 -20.19 -25.66
N ASP A 160 -16.69 -20.60 -26.75
CA ASP A 160 -15.32 -20.16 -27.04
C ASP A 160 -15.29 -18.63 -27.10
N MET A 161 -14.31 -17.98 -26.45
CA MET A 161 -14.25 -16.53 -26.44
C MET A 161 -14.07 -15.95 -27.84
N ARG A 162 -13.58 -16.78 -28.78
CA ARG A 162 -13.32 -16.39 -30.17
C ARG A 162 -14.37 -16.93 -31.14
N SER A 163 -15.44 -17.59 -30.61
CA SER A 163 -16.56 -18.13 -31.39
C SER A 163 -17.30 -16.98 -32.01
N MET A 164 -17.47 -17.03 -33.34
CA MET A 164 -18.15 -15.97 -34.10
C MET A 164 -19.47 -16.45 -34.73
N ASP A 165 -19.91 -17.68 -34.41
CA ASP A 165 -21.12 -18.27 -34.97
C ASP A 165 -21.50 -19.53 -34.21
N PHE A 166 -22.74 -20.00 -34.42
CA PHE A 166 -23.30 -21.19 -33.79
C PHE A 166 -23.12 -21.13 -32.26
N LYS A 167 -23.56 -20.01 -31.63
CA LYS A 167 -23.43 -19.74 -30.19
C LYS A 167 -24.54 -20.44 -29.34
N SER A 168 -24.87 -21.69 -29.70
CA SER A 168 -25.92 -22.47 -29.03
C SER A 168 -25.39 -23.23 -27.80
N ASN A 169 -25.85 -22.82 -26.60
CA ASN A 169 -25.54 -23.49 -25.32
C ASN A 169 -26.22 -24.87 -25.27
N SER A 170 -25.53 -25.84 -24.63
CA SER A 170 -25.96 -27.23 -24.50
C SER A 170 -25.32 -27.96 -23.31
N ALA A 171 -25.90 -29.10 -22.96
CA ALA A 171 -25.44 -29.98 -21.91
C ALA A 171 -25.33 -31.37 -22.49
N VAL A 172 -24.45 -32.16 -21.91
CA VAL A 172 -24.16 -33.52 -22.34
C VAL A 172 -24.43 -34.48 -21.17
N ALA A 173 -24.98 -35.66 -21.49
CA ALA A 173 -25.23 -36.75 -20.55
C ALA A 173 -24.75 -38.07 -21.14
N TRP A 174 -24.24 -38.95 -20.28
CA TRP A 174 -23.75 -40.28 -20.65
C TRP A 174 -23.85 -41.22 -19.45
N SER A 175 -23.70 -42.53 -19.68
CA SER A 175 -23.77 -43.48 -18.58
C SER A 175 -23.00 -44.73 -18.89
N ASN A 176 -22.54 -45.42 -17.83
CA ASN A 176 -21.83 -46.69 -17.85
C ASN A 176 -22.79 -47.79 -18.34
N LYS A 177 -24.08 -47.70 -17.92
CA LYS A 177 -25.15 -48.62 -18.27
C LYS A 177 -25.48 -48.59 -19.78
N SER A 178 -25.82 -49.77 -20.33
CA SER A 178 -26.22 -49.99 -21.73
C SER A 178 -27.22 -51.17 -21.77
N ASP A 179 -28.42 -51.02 -22.40
CA ASP A 179 -28.91 -49.84 -23.14
C ASP A 179 -29.41 -48.75 -22.18
N PHE A 180 -28.95 -47.49 -22.37
CA PHE A 180 -29.31 -46.34 -21.55
C PHE A 180 -30.46 -45.55 -22.19
N ALA A 181 -31.46 -45.18 -21.36
CA ALA A 181 -32.65 -44.42 -21.76
C ALA A 181 -32.29 -42.94 -21.97
N CYS A 182 -32.23 -42.54 -23.24
CA CYS A 182 -31.88 -41.18 -23.66
C CYS A 182 -32.89 -40.13 -23.15
N ALA A 183 -34.19 -40.49 -23.13
CA ALA A 183 -35.29 -39.63 -22.68
C ALA A 183 -35.14 -39.26 -21.20
N ASN A 184 -35.24 -40.27 -20.30
CA ASN A 184 -35.11 -40.10 -18.84
C ASN A 184 -33.64 -39.81 -18.52
N ALA A 185 -33.22 -38.56 -18.79
CA ALA A 185 -31.88 -38.03 -18.59
C ALA A 185 -31.95 -36.54 -18.27
N PHE A 186 -32.87 -35.82 -18.93
CA PHE A 186 -33.07 -34.38 -18.73
C PHE A 186 -34.55 -34.06 -18.39
N ASN A 187 -35.25 -35.04 -17.75
CA ASN A 187 -36.65 -35.02 -17.26
C ASN A 187 -37.66 -34.78 -18.40
N VAL B 5 7.60 -11.44 -20.05
CA VAL B 5 7.85 -12.28 -18.87
C VAL B 5 7.49 -13.74 -19.20
N THR B 6 8.40 -14.68 -18.87
CA THR B 6 8.20 -16.10 -19.11
C THR B 6 8.31 -16.90 -17.81
N GLN B 7 7.73 -18.12 -17.83
CA GLN B 7 7.78 -19.03 -16.69
C GLN B 7 8.16 -20.43 -17.16
N SER B 8 8.93 -21.17 -16.33
CA SER B 8 9.39 -22.52 -16.63
C SER B 8 9.40 -23.39 -15.35
N PRO B 9 8.67 -24.52 -15.29
CA PRO B 9 7.80 -25.11 -16.33
C PRO B 9 6.48 -24.37 -16.40
N ARG B 10 5.55 -24.84 -17.24
CA ARG B 10 4.25 -24.19 -17.36
C ARG B 10 3.20 -25.04 -16.66
N ASN B 11 3.57 -26.31 -16.42
CA ASN B 11 2.79 -27.35 -15.75
C ASN B 11 3.75 -28.32 -15.07
N LYS B 12 3.51 -28.64 -13.80
CA LYS B 12 4.35 -29.56 -13.04
C LYS B 12 3.51 -30.38 -12.10
N VAL B 13 3.79 -31.69 -12.09
CA VAL B 13 3.16 -32.70 -11.23
C VAL B 13 4.26 -33.19 -10.30
N ALA B 14 4.05 -33.04 -8.98
CA ALA B 14 5.03 -33.44 -7.98
C ALA B 14 4.43 -34.30 -6.87
N VAL B 15 5.31 -34.94 -6.06
CA VAL B 15 4.92 -35.76 -4.91
C VAL B 15 5.06 -34.96 -3.65
N THR B 16 4.14 -35.21 -2.67
CA THR B 16 4.19 -34.62 -1.32
C THR B 16 5.60 -34.95 -0.77
N GLY B 17 6.35 -33.90 -0.42
CA GLY B 17 7.70 -34.02 0.10
C GLY B 17 8.82 -33.81 -0.90
N GLY B 18 8.49 -33.76 -2.20
CA GLY B 18 9.48 -33.55 -3.25
C GLY B 18 9.98 -32.12 -3.34
N LYS B 19 11.15 -31.88 -3.98
CA LYS B 19 11.70 -30.54 -4.18
C LYS B 19 11.31 -30.01 -5.57
N VAL B 20 10.40 -29.02 -5.58
CA VAL B 20 9.85 -28.33 -6.76
C VAL B 20 10.56 -26.98 -6.96
N THR B 21 10.78 -26.56 -8.22
CA THR B 21 11.46 -25.28 -8.50
C THR B 21 10.87 -24.55 -9.70
N LEU B 22 10.10 -23.49 -9.41
CA LEU B 22 9.48 -22.66 -10.44
C LEU B 22 10.37 -21.45 -10.73
N SER B 23 10.70 -21.24 -12.02
CA SER B 23 11.58 -20.16 -12.47
C SER B 23 10.84 -19.11 -13.28
N CYS B 24 11.34 -17.88 -13.22
CA CYS B 24 10.80 -16.72 -13.91
C CYS B 24 11.92 -15.97 -14.60
N ASN B 25 11.61 -15.34 -15.73
CA ASN B 25 12.60 -14.61 -16.50
C ASN B 25 11.98 -13.42 -17.19
N GLN B 26 12.66 -12.28 -17.13
CA GLN B 26 12.25 -11.04 -17.78
C GLN B 26 13.48 -10.38 -18.42
N THR B 27 13.31 -9.93 -19.67
CA THR B 27 14.36 -9.30 -20.49
C THR B 27 14.24 -7.74 -20.50
N ASN B 28 13.17 -7.21 -19.90
CA ASN B 28 12.86 -5.78 -19.83
C ASN B 28 13.84 -5.01 -18.91
N ASN B 29 14.72 -5.72 -18.16
CA ASN B 29 15.70 -5.16 -17.22
C ASN B 29 14.98 -4.36 -16.08
N HIS B 30 13.84 -4.90 -15.59
CA HIS B 30 13.07 -4.34 -14.49
C HIS B 30 13.72 -4.75 -13.18
N ASN B 31 13.76 -3.85 -12.20
CA ASN B 31 14.40 -4.09 -10.90
C ASN B 31 13.62 -5.10 -10.05
N ASN B 32 12.30 -4.89 -9.91
CA ASN B 32 11.42 -5.70 -9.09
C ASN B 32 10.91 -6.92 -9.81
N MET B 33 10.79 -8.01 -9.06
CA MET B 33 10.27 -9.30 -9.51
C MET B 33 9.46 -9.87 -8.37
N TYR B 34 8.24 -10.30 -8.68
CA TYR B 34 7.27 -10.77 -7.70
C TYR B 34 6.80 -12.18 -8.03
N TRP B 35 6.43 -12.94 -6.98
CA TRP B 35 5.88 -14.30 -7.06
C TRP B 35 4.53 -14.35 -6.32
N TYR B 36 3.46 -14.67 -7.05
CA TYR B 36 2.08 -14.78 -6.59
C TYR B 36 1.55 -16.16 -6.80
N ARG B 37 0.46 -16.52 -6.08
CA ARG B 37 -0.28 -17.76 -6.33
C ARG B 37 -1.78 -17.41 -6.41
N GLN B 38 -2.49 -18.06 -7.36
CA GLN B 38 -3.93 -17.89 -7.58
C GLN B 38 -4.76 -19.07 -7.04
N ASP B 39 -5.80 -18.74 -6.26
CA ASP B 39 -6.76 -19.67 -5.67
C ASP B 39 -8.11 -18.96 -5.60
N THR B 40 -9.24 -19.70 -5.61
CA THR B 40 -10.55 -19.03 -5.58
C THR B 40 -10.86 -18.43 -4.21
N GLY B 41 -11.53 -17.28 -4.25
CA GLY B 41 -11.93 -16.50 -3.09
C GLY B 41 -10.75 -15.78 -2.47
N HIS B 42 -9.64 -15.68 -3.22
CA HIS B 42 -8.40 -15.06 -2.76
C HIS B 42 -7.70 -14.21 -3.83
N GLY B 43 -8.06 -14.43 -5.10
CA GLY B 43 -7.44 -13.74 -6.23
C GLY B 43 -6.00 -14.19 -6.34
N LEU B 44 -5.07 -13.24 -6.37
CA LEU B 44 -3.64 -13.53 -6.36
C LEU B 44 -3.02 -13.02 -5.04
N ARG B 45 -2.29 -13.89 -4.33
CA ARG B 45 -1.64 -13.52 -3.08
C ARG B 45 -0.14 -13.59 -3.27
N LEU B 46 0.58 -12.51 -2.87
CA LEU B 46 2.04 -12.41 -2.99
C LEU B 46 2.77 -13.32 -1.97
N ILE B 47 3.65 -14.20 -2.49
CA ILE B 47 4.44 -15.14 -1.72
C ILE B 47 5.77 -14.46 -1.27
N HIS B 48 6.64 -14.08 -2.24
CA HIS B 48 7.95 -13.41 -2.08
C HIS B 48 8.18 -12.37 -3.20
N TYR B 49 9.05 -11.38 -2.94
CA TYR B 49 9.41 -10.35 -3.92
C TYR B 49 10.90 -9.97 -3.81
N SER B 50 11.40 -9.17 -4.78
CA SER B 50 12.81 -8.78 -4.84
C SER B 50 12.96 -7.38 -5.40
N TYR B 51 13.89 -6.59 -4.84
CA TYR B 51 14.15 -5.24 -5.34
C TYR B 51 15.43 -5.22 -6.22
N GLY B 52 16.07 -6.37 -6.37
CA GLY B 52 17.28 -6.53 -7.17
C GLY B 52 17.98 -7.85 -6.92
N ALA B 53 19.05 -8.11 -7.70
CA ALA B 53 19.84 -9.33 -7.58
C ALA B 53 20.53 -9.45 -6.19
N GLY B 54 20.41 -10.63 -5.58
CA GLY B 54 20.98 -10.94 -4.27
C GLY B 54 20.08 -10.67 -3.08
N SER B 55 18.96 -9.97 -3.32
CA SER B 55 17.99 -9.62 -2.29
C SER B 55 16.64 -10.25 -2.60
N THR B 56 15.90 -10.61 -1.52
CA THR B 56 14.58 -11.24 -1.50
C THR B 56 13.87 -10.85 -0.19
N GLU B 57 12.60 -10.46 -0.31
CA GLU B 57 11.74 -10.07 0.79
C GLU B 57 10.54 -11.01 0.89
N LYS B 58 10.10 -11.34 2.13
CA LYS B 58 8.93 -12.19 2.39
C LYS B 58 7.68 -11.42 2.04
N GLY B 59 6.77 -12.04 1.30
CA GLY B 59 5.51 -11.45 0.91
C GLY B 59 4.52 -11.49 2.04
N ASP B 60 3.28 -11.91 1.74
CA ASP B 60 2.18 -11.97 2.71
C ASP B 60 1.97 -13.39 3.21
N ILE B 61 2.08 -14.38 2.29
CA ILE B 61 1.93 -15.82 2.54
C ILE B 61 3.28 -16.54 2.17
N PRO B 62 4.38 -16.35 2.96
CA PRO B 62 5.67 -16.93 2.57
C PRO B 62 5.94 -18.33 3.10
N ASP B 63 5.28 -18.72 4.21
CA ASP B 63 5.41 -20.02 4.89
C ASP B 63 5.30 -21.17 3.91
N GLY B 64 6.36 -21.97 3.84
CA GLY B 64 6.48 -23.12 2.94
C GLY B 64 7.11 -22.80 1.60
N TYR B 65 7.66 -21.59 1.44
CA TYR B 65 8.30 -21.19 0.20
C TYR B 65 9.59 -20.45 0.44
N LYS B 66 10.57 -20.67 -0.43
CA LYS B 66 11.84 -19.92 -0.42
C LYS B 66 12.02 -19.34 -1.81
N ALA B 67 12.69 -18.17 -1.93
CA ALA B 67 12.90 -17.53 -3.22
C ALA B 67 14.33 -17.03 -3.40
N SER B 68 14.90 -17.23 -4.60
CA SER B 68 16.26 -16.78 -4.93
C SER B 68 16.27 -15.83 -6.13
N ARG B 69 17.02 -14.73 -6.03
CA ARG B 69 17.20 -13.78 -7.11
C ARG B 69 18.69 -13.81 -7.47
N PRO B 70 19.11 -14.77 -8.34
CA PRO B 70 20.54 -14.88 -8.69
C PRO B 70 21.08 -13.68 -9.47
N SER B 71 20.28 -13.22 -10.45
CA SER B 71 20.57 -12.11 -11.37
C SER B 71 19.34 -11.20 -11.47
N GLN B 72 19.42 -10.14 -12.31
CA GLN B 72 18.30 -9.23 -12.55
C GLN B 72 17.18 -9.96 -13.31
N GLU B 73 17.53 -10.64 -14.40
CA GLU B 73 16.59 -11.34 -15.28
C GLU B 73 15.81 -12.49 -14.60
N ASN B 74 16.48 -13.35 -13.82
CA ASN B 74 15.82 -14.51 -13.20
C ASN B 74 15.52 -14.38 -11.71
N PHE B 75 14.33 -14.87 -11.32
CA PHE B 75 13.83 -14.96 -9.95
C PHE B 75 13.15 -16.34 -9.77
N SER B 76 13.67 -17.17 -8.85
CA SER B 76 13.14 -18.52 -8.62
C SER B 76 12.37 -18.68 -7.30
N LEU B 77 11.40 -19.60 -7.28
CA LEU B 77 10.57 -19.98 -6.14
C LEU B 77 10.74 -21.48 -5.92
N ILE B 78 11.29 -21.87 -4.75
CA ILE B 78 11.62 -23.26 -4.38
C ILE B 78 10.68 -23.78 -3.28
N LEU B 79 10.18 -25.02 -3.47
CA LEU B 79 9.30 -25.74 -2.53
C LEU B 79 10.05 -26.98 -2.04
N GLU B 80 11.00 -26.80 -1.09
CA GLU B 80 11.90 -27.83 -0.53
C GLU B 80 11.16 -29.15 -0.17
N LEU B 81 10.05 -29.03 0.59
CA LEU B 81 9.17 -30.13 0.99
C LEU B 81 7.75 -29.75 0.58
N ALA B 82 7.34 -30.21 -0.62
CA ALA B 82 6.04 -29.91 -1.25
C ALA B 82 4.87 -30.51 -0.48
N THR B 83 3.75 -29.81 -0.43
CA THR B 83 2.55 -30.26 0.28
C THR B 83 1.30 -30.05 -0.59
N PRO B 84 0.25 -30.92 -0.53
CA PRO B 84 -0.95 -30.73 -1.39
C PRO B 84 -1.61 -29.35 -1.26
N SER B 85 -1.25 -28.59 -0.22
CA SER B 85 -1.69 -27.23 0.05
C SER B 85 -1.13 -26.26 -0.99
N GLN B 86 -0.01 -26.65 -1.64
CA GLN B 86 0.70 -25.87 -2.65
C GLN B 86 0.24 -26.18 -4.08
N THR B 87 -0.80 -27.03 -4.23
CA THR B 87 -1.42 -27.30 -5.52
C THR B 87 -2.16 -26.00 -5.87
N SER B 88 -1.59 -25.21 -6.79
CA SER B 88 -2.12 -23.91 -7.18
C SER B 88 -1.60 -23.50 -8.58
N VAL B 89 -1.88 -22.23 -8.97
CA VAL B 89 -1.41 -21.61 -10.21
C VAL B 89 -0.53 -20.43 -9.79
N TYR B 90 0.75 -20.50 -10.15
CA TYR B 90 1.76 -19.52 -9.75
C TYR B 90 2.02 -18.55 -10.87
N PHE B 91 1.91 -17.25 -10.53
CA PHE B 91 2.12 -16.16 -11.45
C PHE B 91 3.30 -15.35 -11.00
N CYS B 92 4.12 -14.96 -11.94
CA CYS B 92 5.29 -14.16 -11.68
C CYS B 92 5.16 -12.85 -12.43
N ALA B 93 5.59 -11.74 -11.84
CA ALA B 93 5.48 -10.47 -12.53
C ALA B 93 6.71 -9.60 -12.26
N SER B 94 6.91 -8.57 -13.10
CA SER B 94 8.00 -7.62 -12.91
C SER B 94 7.41 -6.23 -12.75
N GLY B 95 8.12 -5.40 -12.00
CA GLY B 95 7.75 -4.01 -11.74
C GLY B 95 8.93 -3.12 -12.07
N ASP B 96 8.68 -2.00 -12.78
CA ASP B 96 9.73 -1.06 -13.15
C ASP B 96 9.59 0.29 -12.38
N PRO B 97 10.38 0.47 -11.31
CA PRO B 97 10.31 1.72 -10.54
C PRO B 97 10.91 2.91 -11.29
N GLN B 98 11.93 2.65 -12.14
CA GLN B 98 12.66 3.65 -12.96
C GLN B 98 11.78 4.34 -14.02
N GLY B 99 10.57 3.82 -14.25
CA GLY B 99 9.61 4.40 -15.18
C GLY B 99 8.49 5.14 -14.47
N VAL B 100 8.71 5.46 -13.17
CA VAL B 100 7.85 6.16 -12.20
C VAL B 100 6.37 5.63 -12.26
N SER B 101 6.24 4.30 -12.21
CA SER B 101 4.98 3.57 -12.28
C SER B 101 4.93 2.42 -11.25
N TYR B 102 3.71 2.07 -10.77
CA TYR B 102 3.49 0.94 -9.86
C TYR B 102 2.97 -0.30 -10.64
N GLU B 103 2.88 -0.17 -12.00
CA GLU B 103 2.38 -1.19 -12.92
C GLU B 103 3.28 -2.40 -12.95
N GLN B 104 2.63 -3.57 -12.91
CA GLN B 104 3.30 -4.86 -12.93
C GLN B 104 2.99 -5.58 -14.26
N TYR B 105 3.91 -6.48 -14.68
CA TYR B 105 3.86 -7.16 -15.98
C TYR B 105 3.98 -8.68 -15.75
N PHE B 106 2.82 -9.37 -15.82
CA PHE B 106 2.63 -10.76 -15.46
C PHE B 106 2.98 -11.77 -16.51
N GLY B 107 3.53 -12.88 -16.02
CA GLY B 107 3.89 -14.04 -16.80
C GLY B 107 2.67 -14.86 -17.19
N PRO B 108 2.87 -15.89 -18.06
CA PRO B 108 1.72 -16.71 -18.51
C PRO B 108 1.03 -17.54 -17.44
N GLY B 109 1.76 -17.91 -16.40
CA GLY B 109 1.29 -18.73 -15.30
C GLY B 109 1.84 -20.15 -15.36
N THR B 110 2.03 -20.75 -14.19
CA THR B 110 2.51 -22.13 -14.03
C THR B 110 1.50 -22.88 -13.17
N ARG B 111 0.95 -23.98 -13.68
CA ARG B 111 0.05 -24.79 -12.87
C ARG B 111 0.90 -25.88 -12.18
N LEU B 112 0.69 -26.06 -10.86
CA LEU B 112 1.42 -27.05 -10.07
C LEU B 112 0.42 -27.97 -9.36
N THR B 113 0.70 -29.28 -9.37
CA THR B 113 -0.16 -30.27 -8.71
C THR B 113 0.69 -31.21 -7.85
N VAL B 114 0.45 -31.16 -6.53
CA VAL B 114 1.13 -31.98 -5.54
C VAL B 114 0.21 -33.17 -5.20
N LEU B 115 0.70 -34.40 -5.44
CA LEU B 115 -0.05 -35.64 -5.23
C LEU B 115 0.62 -36.58 -4.22
N GLU B 116 -0.17 -37.49 -3.59
CA GLU B 116 0.33 -38.47 -2.63
C GLU B 116 1.23 -39.49 -3.32
N ASP B 117 0.73 -40.12 -4.41
CA ASP B 117 1.41 -41.13 -5.22
C ASP B 117 1.28 -40.80 -6.70
N LEU B 118 2.41 -40.83 -7.45
CA LEU B 118 2.45 -40.58 -8.89
C LEU B 118 1.79 -41.73 -9.71
N LYS B 119 1.54 -42.89 -9.08
CA LYS B 119 0.93 -44.06 -9.74
C LYS B 119 -0.55 -43.80 -10.06
N ASN B 120 -1.10 -42.68 -9.55
CA ASN B 120 -2.49 -42.27 -9.73
C ASN B 120 -2.65 -41.31 -10.90
N VAL B 121 -1.55 -40.94 -11.57
CA VAL B 121 -1.60 -40.05 -12.73
C VAL B 121 -2.12 -40.87 -13.92
N PHE B 122 -3.17 -40.38 -14.59
CA PHE B 122 -3.73 -41.09 -15.73
C PHE B 122 -3.93 -40.19 -16.93
N PRO B 123 -3.57 -40.68 -18.14
CA PRO B 123 -3.82 -39.90 -19.36
C PRO B 123 -5.31 -39.98 -19.76
N PRO B 124 -5.84 -39.07 -20.60
CA PRO B 124 -7.25 -39.18 -20.98
C PRO B 124 -7.49 -40.07 -22.20
N GLU B 125 -8.66 -40.73 -22.24
CA GLU B 125 -9.07 -41.48 -23.43
C GLU B 125 -10.14 -40.63 -24.12
N VAL B 126 -9.88 -40.25 -25.38
CA VAL B 126 -10.73 -39.35 -26.18
C VAL B 126 -11.66 -40.13 -27.14
N ALA B 127 -12.93 -39.67 -27.27
CA ALA B 127 -13.94 -40.26 -28.17
C ALA B 127 -14.82 -39.15 -28.81
N VAL B 128 -15.07 -39.27 -30.13
CA VAL B 128 -15.91 -38.31 -30.86
C VAL B 128 -17.26 -39.00 -31.17
N PHE B 129 -18.37 -38.33 -30.83
CA PHE B 129 -19.74 -38.82 -31.05
C PHE B 129 -20.36 -38.01 -32.19
N GLU B 130 -20.60 -38.68 -33.33
CA GLU B 130 -21.13 -38.11 -34.58
C GLU B 130 -22.55 -37.52 -34.41
N PRO B 131 -22.90 -36.39 -35.11
CA PRO B 131 -24.23 -35.77 -34.91
C PRO B 131 -25.41 -36.67 -35.28
N SER B 132 -26.54 -36.48 -34.55
CA SER B 132 -27.78 -37.24 -34.76
C SER B 132 -28.52 -36.73 -36.00
N GLU B 133 -28.98 -37.65 -36.88
CA GLU B 133 -29.72 -37.31 -38.11
C GLU B 133 -30.98 -36.53 -37.76
N ALA B 134 -31.50 -36.76 -36.53
CA ALA B 134 -32.67 -36.13 -35.91
C ALA B 134 -32.45 -34.62 -35.80
N GLU B 135 -31.23 -34.19 -35.36
CA GLU B 135 -30.85 -32.79 -35.25
C GLU B 135 -30.69 -32.16 -36.63
N ILE B 136 -29.92 -32.85 -37.53
CA ILE B 136 -29.64 -32.46 -38.92
C ILE B 136 -30.94 -32.21 -39.72
N SER B 137 -31.97 -33.03 -39.49
CA SER B 137 -33.24 -32.87 -40.18
C SER B 137 -34.04 -31.69 -39.60
N HIS B 138 -34.14 -31.61 -38.26
CA HIS B 138 -34.94 -30.63 -37.53
C HIS B 138 -34.36 -29.21 -37.59
N THR B 139 -33.11 -29.01 -37.11
CA THR B 139 -32.45 -27.71 -37.00
C THR B 139 -31.63 -27.31 -38.27
N GLN B 140 -31.32 -28.30 -39.13
CA GLN B 140 -30.47 -28.14 -40.33
C GLN B 140 -29.04 -27.74 -39.86
N LYS B 141 -28.65 -28.28 -38.70
CA LYS B 141 -27.37 -28.06 -38.05
C LYS B 141 -26.82 -29.39 -37.52
N ALA B 142 -25.53 -29.43 -37.14
CA ALA B 142 -24.94 -30.67 -36.66
C ALA B 142 -23.88 -30.41 -35.58
N THR B 143 -24.13 -30.95 -34.37
CA THR B 143 -23.19 -30.87 -33.24
C THR B 143 -22.44 -32.18 -33.08
N LEU B 144 -21.11 -32.08 -32.95
CA LEU B 144 -20.22 -33.22 -32.69
C LEU B 144 -19.91 -33.18 -31.19
N VAL B 145 -19.49 -34.32 -30.58
CA VAL B 145 -19.23 -34.29 -29.13
C VAL B 145 -17.92 -34.99 -28.82
N CYS B 146 -16.97 -34.23 -28.24
CA CYS B 146 -15.70 -34.74 -27.77
C CYS B 146 -15.88 -35.14 -26.33
N LEU B 147 -15.40 -36.33 -25.92
CA LEU B 147 -15.59 -36.72 -24.52
C LEU B 147 -14.32 -37.34 -23.93
N ALA B 148 -13.50 -36.51 -23.25
CA ALA B 148 -12.28 -36.93 -22.55
C ALA B 148 -12.69 -37.66 -21.29
N THR B 149 -12.09 -38.83 -21.04
CA THR B 149 -12.47 -39.64 -19.88
C THR B 149 -11.26 -40.30 -19.19
N GLY B 150 -11.43 -40.56 -17.90
CA GLY B 150 -10.51 -41.25 -17.01
C GLY B 150 -9.11 -40.69 -16.86
N PHE B 151 -8.98 -39.36 -16.76
CA PHE B 151 -7.70 -38.69 -16.58
C PHE B 151 -7.54 -38.15 -15.17
N TYR B 152 -6.29 -38.01 -14.74
CA TYR B 152 -5.93 -37.50 -13.42
C TYR B 152 -4.53 -36.87 -13.50
N PRO B 153 -4.33 -35.62 -13.00
CA PRO B 153 -5.28 -34.75 -12.31
C PRO B 153 -6.25 -34.01 -13.26
N ASP B 154 -7.20 -33.26 -12.66
CA ASP B 154 -8.30 -32.51 -13.28
C ASP B 154 -7.91 -31.56 -14.47
N HIS B 155 -6.67 -31.04 -14.57
CA HIS B 155 -6.38 -30.13 -15.67
C HIS B 155 -5.97 -30.82 -16.99
N VAL B 156 -6.67 -30.39 -18.06
CA VAL B 156 -6.59 -30.83 -19.45
C VAL B 156 -7.07 -29.67 -20.34
N GLU B 157 -6.55 -29.55 -21.57
CA GLU B 157 -6.96 -28.52 -22.55
C GLU B 157 -7.59 -29.20 -23.75
N LEU B 158 -8.77 -28.73 -24.18
CA LEU B 158 -9.52 -29.32 -25.30
C LEU B 158 -9.77 -28.30 -26.45
N SER B 159 -9.44 -28.71 -27.69
CA SER B 159 -9.53 -27.91 -28.90
C SER B 159 -10.05 -28.74 -30.06
N TRP B 160 -10.76 -28.10 -30.99
CA TRP B 160 -11.31 -28.73 -32.19
C TRP B 160 -10.51 -28.31 -33.41
N TRP B 161 -10.29 -29.26 -34.31
CA TRP B 161 -9.47 -29.09 -35.50
C TRP B 161 -10.20 -29.59 -36.72
N VAL B 162 -10.64 -28.67 -37.58
CA VAL B 162 -11.35 -29.02 -38.81
C VAL B 162 -10.38 -28.81 -39.97
N ASN B 163 -10.07 -29.90 -40.71
CA ASN B 163 -9.16 -29.92 -41.86
C ASN B 163 -7.79 -29.31 -41.50
N GLY B 164 -7.21 -29.80 -40.39
CA GLY B 164 -5.90 -29.40 -39.88
C GLY B 164 -5.79 -28.04 -39.21
N LYS B 165 -6.83 -27.20 -39.29
CA LYS B 165 -6.80 -25.87 -38.67
C LYS B 165 -7.70 -25.84 -37.44
N GLU B 166 -7.29 -25.15 -36.37
CA GLU B 166 -8.09 -25.06 -35.13
C GLU B 166 -9.32 -24.17 -35.36
N VAL B 167 -10.46 -24.56 -34.80
CA VAL B 167 -11.68 -23.78 -34.97
C VAL B 167 -12.17 -23.27 -33.61
N HIS B 168 -12.89 -22.13 -33.63
CA HIS B 168 -13.42 -21.51 -32.45
C HIS B 168 -14.89 -21.25 -32.62
N SER B 169 -15.37 -21.00 -33.86
CA SER B 169 -16.79 -20.78 -34.16
C SER B 169 -17.55 -22.12 -34.06
N GLY B 170 -18.57 -22.14 -33.20
CA GLY B 170 -19.40 -23.30 -32.95
C GLY B 170 -18.86 -24.16 -31.82
N VAL B 171 -17.79 -23.69 -31.15
CA VAL B 171 -17.17 -24.40 -30.04
C VAL B 171 -17.77 -23.91 -28.73
N CYS B 172 -18.16 -24.87 -27.90
CA CYS B 172 -18.70 -24.76 -26.55
C CYS B 172 -18.02 -25.84 -25.75
N THR B 173 -17.43 -25.50 -24.59
CA THR B 173 -16.73 -26.50 -23.77
C THR B 173 -17.11 -26.32 -22.30
N ASP B 174 -17.13 -27.40 -21.51
CA ASP B 174 -17.42 -27.32 -20.07
C ASP B 174 -16.37 -26.49 -19.35
N PRO B 175 -16.77 -25.67 -18.34
CA PRO B 175 -15.77 -24.85 -17.62
C PRO B 175 -14.85 -25.68 -16.75
N GLN B 176 -15.38 -26.75 -16.13
CA GLN B 176 -14.63 -27.62 -15.22
C GLN B 176 -14.94 -29.11 -15.47
N PRO B 177 -14.02 -30.05 -15.13
CA PRO B 177 -14.31 -31.48 -15.31
C PRO B 177 -15.16 -32.06 -14.16
N LEU B 178 -15.76 -33.25 -14.38
CA LEU B 178 -16.57 -33.91 -13.35
C LEU B 178 -15.93 -35.23 -12.88
N LYS B 179 -15.95 -35.49 -11.55
CA LYS B 179 -15.40 -36.72 -10.96
C LYS B 179 -16.19 -37.92 -11.46
N GLU B 180 -15.47 -38.95 -11.97
CA GLU B 180 -16.09 -40.16 -12.54
C GLU B 180 -16.76 -41.00 -11.44
N GLN B 181 -16.16 -41.04 -10.24
CA GLN B 181 -16.69 -41.72 -9.06
C GLN B 181 -16.33 -40.86 -7.84
N PRO B 182 -17.16 -39.84 -7.48
CA PRO B 182 -16.79 -38.92 -6.37
C PRO B 182 -16.57 -39.61 -5.02
N ALA B 183 -17.14 -40.82 -4.83
CA ALA B 183 -16.96 -41.64 -3.63
C ALA B 183 -15.60 -42.40 -3.68
N LEU B 184 -14.53 -41.64 -4.00
CA LEU B 184 -13.13 -42.07 -4.13
C LEU B 184 -12.21 -40.84 -4.03
N ASN B 185 -11.18 -40.95 -3.16
CA ASN B 185 -10.21 -39.89 -2.90
C ASN B 185 -9.27 -39.64 -4.11
N ASP B 186 -9.00 -40.71 -4.90
CA ASP B 186 -8.10 -40.66 -6.07
C ASP B 186 -8.87 -40.72 -7.41
N SER B 187 -10.18 -40.33 -7.39
CA SER B 187 -11.14 -40.31 -8.50
C SER B 187 -10.67 -39.59 -9.77
N ARG B 188 -10.79 -40.28 -10.92
CA ARG B 188 -10.43 -39.77 -12.25
C ARG B 188 -11.52 -38.82 -12.76
N TYR B 189 -11.20 -38.04 -13.79
CA TYR B 189 -12.09 -36.99 -14.32
C TYR B 189 -12.58 -37.22 -15.75
N ALA B 190 -13.65 -36.50 -16.09
CA ALA B 190 -14.28 -36.47 -17.41
C ALA B 190 -14.58 -35.02 -17.78
N LEU B 191 -14.43 -34.66 -19.07
CA LEU B 191 -14.70 -33.31 -19.60
C LEU B 191 -15.21 -33.41 -21.02
N SER B 192 -16.29 -32.68 -21.38
CA SER B 192 -16.81 -32.73 -22.76
C SER B 192 -16.74 -31.37 -23.46
N SER B 193 -16.91 -31.40 -24.79
CA SER B 193 -16.86 -30.24 -25.68
C SER B 193 -17.74 -30.53 -26.87
N ARG B 194 -18.34 -29.47 -27.43
CA ARG B 194 -19.23 -29.57 -28.58
C ARG B 194 -18.70 -28.73 -29.73
N LEU B 195 -18.93 -29.18 -30.97
CA LEU B 195 -18.61 -28.43 -32.18
C LEU B 195 -19.85 -28.40 -33.08
N ARG B 196 -20.47 -27.23 -33.23
CA ARG B 196 -21.66 -27.07 -34.05
C ARG B 196 -21.27 -26.46 -35.41
N VAL B 197 -21.67 -27.17 -36.47
CA VAL B 197 -21.44 -26.80 -37.87
C VAL B 197 -22.79 -26.82 -38.63
N SER B 198 -22.83 -26.27 -39.84
CA SER B 198 -24.02 -26.32 -40.69
C SER B 198 -24.18 -27.77 -41.19
N ALA B 199 -25.42 -28.30 -41.19
CA ALA B 199 -25.74 -29.69 -41.57
C ALA B 199 -24.96 -30.18 -42.79
N THR B 200 -25.00 -29.41 -43.90
CA THR B 200 -24.32 -29.75 -45.15
C THR B 200 -22.83 -29.88 -44.93
N PHE B 201 -22.20 -28.99 -44.11
CA PHE B 201 -20.76 -29.05 -43.85
C PHE B 201 -20.35 -30.41 -43.24
N TRP B 202 -21.12 -30.94 -42.27
CA TRP B 202 -20.87 -32.25 -41.70
C TRP B 202 -21.12 -33.30 -42.78
N GLN B 203 -22.31 -33.29 -43.42
CA GLN B 203 -22.73 -34.26 -44.44
C GLN B 203 -21.72 -34.47 -45.60
N ASN B 204 -20.73 -33.58 -45.75
CA ASN B 204 -19.68 -33.62 -46.75
C ASN B 204 -18.55 -34.60 -46.35
N PRO B 205 -18.32 -35.68 -47.12
CA PRO B 205 -17.26 -36.64 -46.74
C PRO B 205 -15.82 -36.11 -46.84
N ARG B 206 -15.61 -34.96 -47.52
CA ARG B 206 -14.30 -34.36 -47.72
C ARG B 206 -13.82 -33.53 -46.47
N ASN B 207 -14.71 -33.34 -45.46
CA ASN B 207 -14.41 -32.60 -44.22
C ASN B 207 -14.00 -33.55 -43.06
N HIS B 208 -12.80 -33.32 -42.54
CA HIS B 208 -12.19 -34.08 -41.46
C HIS B 208 -12.31 -33.29 -40.14
N PHE B 209 -12.96 -33.90 -39.13
CA PHE B 209 -13.17 -33.32 -37.80
C PHE B 209 -12.30 -34.05 -36.76
N ARG B 210 -11.60 -33.30 -35.91
CA ARG B 210 -10.74 -33.88 -34.89
C ARG B 210 -10.71 -33.04 -33.62
N CYS B 211 -11.10 -33.64 -32.47
CA CYS B 211 -10.94 -32.95 -31.19
C CYS B 211 -9.67 -33.46 -30.53
N GLN B 212 -8.93 -32.53 -29.94
CA GLN B 212 -7.62 -32.76 -29.38
C GLN B 212 -7.58 -32.40 -27.91
N VAL B 213 -7.15 -33.38 -27.09
CA VAL B 213 -7.04 -33.23 -25.64
C VAL B 213 -5.56 -33.20 -25.26
N GLN B 214 -5.09 -32.09 -24.67
CA GLN B 214 -3.72 -31.90 -24.26
C GLN B 214 -3.60 -32.18 -22.75
N PHE B 215 -3.04 -33.36 -22.42
CA PHE B 215 -2.85 -33.79 -21.04
C PHE B 215 -1.58 -33.21 -20.46
N TYR B 216 -1.64 -32.85 -19.17
CA TYR B 216 -0.50 -32.31 -18.44
C TYR B 216 -0.17 -33.24 -17.27
N GLY B 217 0.80 -34.12 -17.48
CA GLY B 217 1.20 -35.14 -16.52
C GLY B 217 2.63 -35.11 -16.05
N LEU B 218 3.38 -36.18 -16.31
CA LEU B 218 4.76 -36.29 -15.86
C LEU B 218 5.79 -35.82 -16.89
N SER B 219 7.03 -35.60 -16.40
CA SER B 219 8.23 -35.23 -17.16
C SER B 219 9.11 -36.48 -17.30
N GLU B 220 10.19 -36.39 -18.11
CA GLU B 220 11.16 -37.49 -18.27
C GLU B 220 12.06 -37.56 -17.03
N ASN B 221 12.04 -36.48 -16.22
CA ASN B 221 12.78 -36.34 -14.97
C ASN B 221 12.22 -37.31 -13.90
N ASP B 222 10.87 -37.50 -13.87
CA ASP B 222 10.16 -38.39 -12.94
C ASP B 222 10.46 -39.88 -13.22
N GLU B 223 10.45 -40.72 -12.17
CA GLU B 223 10.76 -42.16 -12.27
C GLU B 223 9.47 -42.98 -12.39
N TRP B 224 9.46 -43.97 -13.32
CA TRP B 224 8.28 -44.80 -13.58
C TRP B 224 8.58 -46.30 -13.39
N THR B 225 7.83 -46.97 -12.49
CA THR B 225 8.06 -48.39 -12.19
C THR B 225 6.94 -49.30 -12.71
N GLN B 226 5.74 -48.73 -12.97
CA GLN B 226 4.57 -49.48 -13.42
C GLN B 226 4.76 -50.09 -14.83
N ASP B 227 3.91 -51.08 -15.16
CA ASP B 227 3.92 -51.79 -16.44
C ASP B 227 3.23 -50.98 -17.54
N ARG B 228 2.33 -50.08 -17.15
CA ARG B 228 1.64 -49.19 -18.07
C ARG B 228 2.60 -48.09 -18.56
N ALA B 229 2.27 -47.45 -19.69
CA ALA B 229 3.07 -46.38 -20.27
C ALA B 229 3.05 -45.15 -19.38
N LYS B 230 4.21 -44.50 -19.22
CA LYS B 230 4.40 -43.29 -18.41
C LYS B 230 3.32 -42.23 -18.77
N PRO B 231 2.48 -41.81 -17.80
CA PRO B 231 1.41 -40.83 -18.11
C PRO B 231 1.97 -39.40 -18.19
N VAL B 232 2.87 -39.18 -19.17
CA VAL B 232 3.57 -37.93 -19.45
C VAL B 232 2.65 -36.91 -20.14
N THR B 233 3.02 -35.60 -20.08
CA THR B 233 2.34 -34.52 -20.80
C THR B 233 2.30 -34.97 -22.27
N GLN B 234 1.09 -35.17 -22.80
CA GLN B 234 0.89 -35.67 -24.16
C GLN B 234 -0.39 -35.16 -24.77
N ILE B 235 -0.53 -35.35 -26.09
CA ILE B 235 -1.75 -35.00 -26.82
C ILE B 235 -2.47 -36.31 -27.20
N VAL B 236 -3.75 -36.41 -26.84
CA VAL B 236 -4.57 -37.57 -27.17
C VAL B 236 -5.73 -37.06 -28.03
N SER B 237 -5.89 -37.62 -29.25
CA SER B 237 -6.93 -37.16 -30.17
C SER B 237 -7.90 -38.27 -30.58
N ALA B 238 -9.10 -37.86 -31.00
CA ALA B 238 -10.18 -38.67 -31.58
C ALA B 238 -10.69 -37.94 -32.81
N GLU B 239 -10.92 -38.66 -33.91
CA GLU B 239 -11.30 -38.04 -35.17
C GLU B 239 -12.50 -38.71 -35.83
N ALA B 240 -13.14 -37.98 -36.73
CA ALA B 240 -14.32 -38.38 -37.47
C ALA B 240 -14.38 -37.68 -38.82
N TRP B 241 -14.77 -38.43 -39.85
CA TRP B 241 -14.97 -37.92 -41.21
C TRP B 241 -16.46 -37.69 -41.38
N GLY B 242 -16.82 -36.61 -42.06
CA GLY B 242 -18.22 -36.33 -42.32
C GLY B 242 -18.85 -37.39 -43.20
N ARG B 243 -20.10 -37.78 -42.91
CA ARG B 243 -20.80 -38.82 -43.68
C ARG B 243 -22.15 -38.29 -44.19
N ALA B 244 -22.54 -38.73 -45.41
CA ALA B 244 -23.77 -38.31 -46.07
C ALA B 244 -25.04 -38.85 -45.36
N ASP B 245 -25.18 -40.20 -45.26
CA ASP B 245 -26.30 -40.93 -44.61
C ASP B 245 -27.68 -40.41 -45.05
N ASN C 7 4.11 40.64 10.02
CA ASN C 7 4.67 39.53 9.24
C ASN C 7 4.82 38.26 10.12
N TYR C 8 4.08 37.17 9.79
CA TYR C 8 4.09 35.91 10.58
C TYR C 8 4.37 34.65 9.77
N THR C 9 5.04 33.65 10.40
CA THR C 9 5.37 32.36 9.77
C THR C 9 4.62 31.20 10.41
N PHE C 10 4.01 30.35 9.57
CA PHE C 10 3.30 29.16 9.96
C PHE C 10 4.15 27.93 9.68
N ARG C 11 4.38 27.08 10.68
CA ARG C 11 5.22 25.90 10.51
C ARG C 11 4.62 24.62 11.10
N CYS C 12 4.54 23.56 10.27
CA CYS C 12 4.15 22.20 10.67
C CYS C 12 5.41 21.35 10.78
N LEU C 13 5.71 20.88 11.98
CA LEU C 13 6.90 20.11 12.24
C LEU C 13 6.57 18.66 12.52
N GLN C 14 7.21 17.72 11.77
CA GLN C 14 7.00 16.29 11.94
C GLN C 14 8.28 15.65 12.42
N MET C 15 8.16 14.66 13.29
CA MET C 15 9.25 13.94 13.90
C MET C 15 9.00 12.47 13.76
N SER C 16 9.53 11.86 12.70
CA SER C 16 9.35 10.42 12.55
C SER C 16 10.63 9.66 12.93
N SER C 17 10.45 8.56 13.68
CA SER C 17 11.54 7.72 14.17
C SER C 17 11.26 6.27 13.82
N PHE C 18 12.27 5.59 13.27
CA PHE C 18 12.17 4.18 12.90
C PHE C 18 13.37 3.45 13.51
N ALA C 19 13.14 2.77 14.64
CA ALA C 19 14.19 2.08 15.42
C ALA C 19 14.58 0.77 14.80
N ASN C 20 13.60 0.03 14.29
CA ASN C 20 13.72 -1.27 13.63
C ASN C 20 12.52 -1.47 12.68
N ARG C 21 12.30 -2.68 12.14
CA ARG C 21 11.17 -2.87 11.23
C ARG C 21 9.83 -3.05 11.97
N SER C 22 9.87 -3.19 13.32
CA SER C 22 8.70 -3.40 14.14
C SER C 22 8.46 -2.31 15.19
N TRP C 23 9.19 -1.19 15.11
CA TRP C 23 9.02 -0.07 16.06
C TRP C 23 9.20 1.25 15.34
N SER C 24 8.17 2.10 15.42
CA SER C 24 8.06 3.41 14.79
C SER C 24 7.30 4.34 15.72
N ARG C 25 7.51 5.65 15.53
CA ARG C 25 6.90 6.69 16.36
C ARG C 25 6.86 8.01 15.54
N THR C 26 5.65 8.64 15.42
CA THR C 26 5.49 9.93 14.71
C THR C 26 4.86 10.95 15.62
N ASP C 27 5.45 12.17 15.67
CA ASP C 27 4.94 13.25 16.50
C ASP C 27 5.02 14.53 15.71
N SER C 28 4.03 15.41 15.90
CA SER C 28 3.93 16.66 15.16
C SER C 28 3.50 17.84 16.05
N VAL C 29 3.96 19.05 15.71
CA VAL C 29 3.62 20.31 16.36
C VAL C 29 3.44 21.35 15.29
N VAL C 30 2.56 22.35 15.55
CA VAL C 30 2.27 23.44 14.63
C VAL C 30 2.42 24.74 15.40
N TRP C 31 3.11 25.73 14.77
CA TRP C 31 3.40 27.07 15.28
C TRP C 31 2.92 28.16 14.35
N LEU C 32 2.43 29.25 14.93
CA LEU C 32 2.11 30.49 14.23
C LEU C 32 2.95 31.58 14.92
N GLY C 33 4.14 31.80 14.37
CA GLY C 33 5.13 32.67 14.97
C GLY C 33 5.78 31.84 16.07
N ASP C 34 5.88 32.38 17.29
CA ASP C 34 6.46 31.64 18.43
C ASP C 34 5.34 31.13 19.36
N LEU C 35 4.11 30.98 18.82
CA LEU C 35 2.93 30.47 19.52
C LEU C 35 2.48 29.14 18.90
N GLN C 36 2.27 28.11 19.72
CA GLN C 36 1.84 26.77 19.27
C GLN C 36 0.33 26.74 19.10
N THR C 37 -0.16 26.31 17.92
CA THR C 37 -1.59 26.24 17.56
C THR C 37 -2.07 24.81 17.68
N HIS C 38 -1.24 23.83 17.27
CA HIS C 38 -1.59 22.41 17.34
C HIS C 38 -0.43 21.54 17.85
N ARG C 39 -0.79 20.34 18.32
CA ARG C 39 0.05 19.20 18.72
C ARG C 39 -0.65 17.89 18.26
N TRP C 40 0.12 16.83 18.03
CA TRP C 40 -0.39 15.50 17.63
C TRP C 40 0.63 14.43 17.96
N SER C 41 0.51 13.77 19.13
CA SER C 41 1.46 12.72 19.51
C SER C 41 1.04 11.37 18.92
N ASN C 42 1.98 10.41 18.84
CA ASN C 42 1.71 9.06 18.30
C ASN C 42 0.60 8.36 19.08
N ASP C 43 0.61 8.51 20.41
CA ASP C 43 -0.38 7.92 21.33
C ASP C 43 -1.81 8.51 21.17
N SER C 44 -2.02 9.52 20.29
CA SER C 44 -3.32 10.15 20.04
C SER C 44 -3.81 9.92 18.60
N ALA C 45 -5.12 9.66 18.46
CA ALA C 45 -5.81 9.40 17.20
C ALA C 45 -6.07 10.64 16.35
N THR C 46 -6.23 11.81 16.98
CA THR C 46 -6.52 13.05 16.27
C THR C 46 -5.64 14.20 16.73
N ILE C 47 -5.43 15.18 15.82
CA ILE C 47 -4.70 16.43 16.05
C ILE C 47 -5.44 17.20 17.16
N SER C 48 -4.67 17.75 18.11
CA SER C 48 -5.18 18.49 19.24
C SER C 48 -4.95 19.97 19.07
N PHE C 49 -5.97 20.79 19.38
CA PHE C 49 -5.86 22.25 19.33
C PHE C 49 -5.27 22.65 20.65
N THR C 50 -4.29 23.57 20.63
CA THR C 50 -3.62 24.05 21.84
C THR C 50 -4.06 25.51 22.17
N LYS C 51 -4.99 26.09 21.37
CA LYS C 51 -5.56 27.43 21.54
C LYS C 51 -7.06 27.42 21.27
N PRO C 52 -7.86 28.32 21.88
CA PRO C 52 -9.29 28.33 21.56
C PRO C 52 -9.59 28.74 20.10
N TRP C 53 -8.61 29.29 19.35
CA TRP C 53 -8.75 29.76 17.96
C TRP C 53 -8.02 28.89 16.92
N SER C 54 -7.48 27.74 17.34
CA SER C 54 -6.66 26.86 16.50
C SER C 54 -7.34 26.33 15.23
N GLN C 55 -8.69 26.30 15.19
CA GLN C 55 -9.42 25.84 14.01
C GLN C 55 -9.42 26.96 12.94
N GLY C 56 -9.13 28.21 13.36
CA GLY C 56 -9.15 29.39 12.50
C GLY C 56 -10.58 29.73 12.11
N LYS C 57 -10.82 29.92 10.81
CA LYS C 57 -12.16 30.26 10.30
C LYS C 57 -12.74 29.06 9.49
N LEU C 58 -12.13 27.85 9.66
CA LEU C 58 -12.61 26.63 9.01
C LEU C 58 -13.87 26.17 9.68
N SER C 59 -14.78 25.58 8.90
CA SER C 59 -16.01 25.01 9.45
C SER C 59 -15.70 23.67 10.12
N ASN C 60 -16.63 23.14 10.91
CA ASN C 60 -16.39 21.86 11.58
C ASN C 60 -16.17 20.75 10.53
N GLN C 61 -16.96 20.77 9.42
CA GLN C 61 -16.88 19.87 8.27
C GLN C 61 -15.54 20.05 7.55
N GLN C 62 -15.08 21.32 7.30
CA GLN C 62 -13.78 21.60 6.66
C GLN C 62 -12.63 21.02 7.50
N TRP C 63 -12.70 21.18 8.85
CA TRP C 63 -11.68 20.66 9.75
C TRP C 63 -11.73 19.13 9.82
N GLU C 64 -12.93 18.52 9.86
CA GLU C 64 -13.08 17.06 9.93
C GLU C 64 -12.40 16.39 8.74
N LYS C 65 -12.58 16.96 7.53
CA LYS C 65 -12.01 16.46 6.27
C LYS C 65 -10.48 16.57 6.30
N LEU C 66 -9.95 17.70 6.83
CA LEU C 66 -8.51 17.96 6.92
C LEU C 66 -7.83 16.99 7.88
N GLN C 67 -8.44 16.76 9.06
CA GLN C 67 -7.94 15.84 10.09
C GLN C 67 -7.89 14.42 9.54
N HIS C 68 -8.98 13.99 8.87
CA HIS C 68 -9.08 12.66 8.28
C HIS C 68 -7.96 12.40 7.25
N MET C 69 -7.63 13.42 6.46
CA MET C 69 -6.58 13.36 5.45
C MET C 69 -5.20 13.26 6.14
N PHE C 70 -5.06 13.81 7.37
CA PHE C 70 -3.80 13.74 8.11
C PHE C 70 -3.62 12.39 8.76
N GLN C 71 -4.73 11.77 9.24
CA GLN C 71 -4.77 10.43 9.87
C GLN C 71 -4.32 9.36 8.87
N VAL C 72 -4.87 9.42 7.64
CA VAL C 72 -4.54 8.52 6.53
C VAL C 72 -3.06 8.71 6.18
N TYR C 73 -2.57 9.97 6.16
CA TYR C 73 -1.19 10.33 5.83
C TYR C 73 -0.18 9.76 6.84
N ARG C 74 -0.52 9.79 8.14
CA ARG C 74 0.35 9.31 9.22
C ARG C 74 0.62 7.80 9.10
N VAL C 75 -0.45 7.02 8.86
CA VAL C 75 -0.39 5.56 8.73
C VAL C 75 0.35 5.18 7.45
N SER C 76 0.02 5.89 6.35
CA SER C 76 0.62 5.70 5.04
C SER C 76 2.10 6.01 5.10
N PHE C 77 2.47 7.19 5.64
CA PHE C 77 3.85 7.62 5.77
C PHE C 77 4.71 6.53 6.47
N THR C 78 4.26 6.07 7.64
CA THR C 78 4.98 5.08 8.42
C THR C 78 5.26 3.83 7.55
N ARG C 79 4.20 3.21 7.00
CA ARG C 79 4.25 2.01 6.16
C ARG C 79 5.04 2.22 4.88
N ASP C 80 4.99 3.41 4.27
CA ASP C 80 5.70 3.73 3.04
C ASP C 80 7.21 3.86 3.27
N ILE C 81 7.64 4.50 4.37
CA ILE C 81 9.07 4.64 4.68
C ILE C 81 9.67 3.27 5.06
N GLN C 82 8.91 2.44 5.86
CA GLN C 82 9.34 1.10 6.27
C GLN C 82 9.68 0.22 5.06
N GLU C 83 8.96 0.44 3.91
CA GLU C 83 9.18 -0.24 2.64
C GLU C 83 10.38 0.31 1.91
N LEU C 84 10.54 1.65 1.85
CA LEU C 84 11.68 2.28 1.16
C LEU C 84 13.02 1.80 1.75
N VAL C 85 13.06 1.49 3.04
CA VAL C 85 14.23 0.97 3.72
C VAL C 85 14.56 -0.42 3.12
N LYS C 86 13.53 -1.29 2.95
CA LYS C 86 13.66 -2.64 2.35
C LYS C 86 14.25 -2.57 0.95
N MET C 87 14.02 -1.43 0.29
CA MET C 87 14.47 -1.10 -1.04
C MET C 87 15.90 -0.57 -1.03
N MET C 88 16.27 0.21 0.03
CA MET C 88 17.57 0.89 0.20
C MET C 88 18.66 0.05 0.82
N SER C 89 18.34 -0.78 1.84
CA SER C 89 19.30 -1.69 2.51
C SER C 89 20.08 -2.57 1.47
N PRO C 90 21.38 -2.92 1.72
CA PRO C 90 22.20 -2.65 2.92
C PRO C 90 22.64 -1.19 3.07
N LYS C 91 22.57 -0.40 1.98
CA LYS C 91 22.97 1.01 1.91
C LYS C 91 22.43 1.84 3.09
N GLU C 92 21.16 1.64 3.51
CA GLU C 92 20.60 2.37 4.66
C GLU C 92 20.06 1.42 5.73
N ASP C 93 20.40 1.73 6.99
CA ASP C 93 20.03 0.90 8.13
C ASP C 93 19.48 1.72 9.29
N TYR C 94 18.68 1.03 10.11
CA TYR C 94 18.06 1.54 11.32
C TYR C 94 19.16 1.85 12.36
N PRO C 95 18.96 2.81 13.29
CA PRO C 95 17.80 3.72 13.45
C PRO C 95 17.77 4.84 12.40
N ILE C 96 16.57 5.16 11.92
CA ILE C 96 16.33 6.20 10.91
C ILE C 96 15.49 7.30 11.52
N GLU C 97 15.94 8.57 11.36
CA GLU C 97 15.19 9.75 11.80
C GLU C 97 14.78 10.55 10.57
N ILE C 98 13.48 10.87 10.45
CA ILE C 98 12.96 11.67 9.34
C ILE C 98 12.22 12.85 9.92
N GLN C 99 12.55 14.07 9.50
CA GLN C 99 11.85 15.29 9.96
C GLN C 99 11.25 16.05 8.81
N LEU C 100 10.00 16.48 8.95
CA LEU C 100 9.34 17.29 7.93
C LEU C 100 9.08 18.65 8.48
N SER C 101 9.30 19.67 7.67
CA SER C 101 9.10 21.05 8.03
C SER C 101 8.32 21.69 6.91
N ALA C 102 7.01 21.84 7.09
CA ALA C 102 6.13 22.40 6.07
C ALA C 102 5.53 23.74 6.55
N GLY C 103 4.63 24.31 5.76
CA GLY C 103 4.01 25.57 6.11
C GLY C 103 4.25 26.68 5.12
N CYS C 104 3.63 27.83 5.34
CA CYS C 104 3.75 28.96 4.43
C CYS C 104 4.06 30.24 5.19
N GLU C 105 4.99 31.05 4.64
CA GLU C 105 5.37 32.35 5.21
C GLU C 105 4.31 33.38 4.75
N MET C 106 3.89 34.27 5.66
CA MET C 106 2.85 35.25 5.37
C MET C 106 3.40 36.67 5.25
N TYR C 107 2.87 37.44 4.29
CA TYR C 107 3.25 38.82 4.00
C TYR C 107 2.00 39.72 3.88
N PRO C 108 2.13 41.09 3.94
CA PRO C 108 0.93 41.94 3.82
C PRO C 108 0.25 41.83 2.46
N GLY C 109 -1.06 42.07 2.47
CA GLY C 109 -1.91 42.00 1.29
C GLY C 109 -2.42 40.60 1.03
N ASN C 110 -1.97 40.00 -0.08
CA ASN C 110 -2.36 38.66 -0.50
C ASN C 110 -1.14 37.75 -0.68
N ALA C 111 0.08 38.29 -0.49
CA ALA C 111 1.34 37.57 -0.67
C ALA C 111 1.53 36.39 0.31
N SER C 112 2.18 35.31 -0.18
CA SER C 112 2.49 34.07 0.54
C SER C 112 3.55 33.22 -0.19
N GLU C 113 4.40 32.51 0.57
CA GLU C 113 5.42 31.60 0.05
C GLU C 113 5.41 30.30 0.87
N SER C 114 4.93 29.20 0.26
CA SER C 114 4.81 27.88 0.89
C SER C 114 6.05 27.05 0.64
N PHE C 115 6.29 26.06 1.53
CA PHE C 115 7.45 25.17 1.50
C PHE C 115 7.17 23.82 2.17
N LEU C 116 7.87 22.78 1.73
CA LEU C 116 7.81 21.46 2.37
C LEU C 116 9.21 20.87 2.28
N HIS C 117 9.96 20.98 3.39
CA HIS C 117 11.33 20.52 3.48
C HIS C 117 11.43 19.22 4.27
N VAL C 118 12.26 18.26 3.78
CA VAL C 118 12.44 16.96 4.43
C VAL C 118 13.90 16.73 4.73
N ALA C 119 14.19 16.27 5.96
CA ALA C 119 15.56 15.95 6.44
C ALA C 119 15.65 14.49 6.84
N PHE C 120 16.72 13.82 6.42
CA PHE C 120 17.02 12.43 6.73
C PHE C 120 18.31 12.41 7.57
N GLN C 121 18.21 11.90 8.80
CA GLN C 121 19.29 11.80 9.79
C GLN C 121 19.80 13.20 10.13
N GLY C 122 18.89 14.17 10.16
CA GLY C 122 19.22 15.55 10.50
C GLY C 122 19.63 16.46 9.37
N LYS C 123 20.10 15.91 8.22
CA LYS C 123 20.53 16.68 7.03
C LYS C 123 19.36 16.89 6.05
N TYR C 124 19.15 18.15 5.59
CA TYR C 124 18.09 18.49 4.64
C TYR C 124 18.41 17.80 3.32
N VAL C 125 17.50 16.90 2.85
CA VAL C 125 17.75 16.10 1.62
C VAL C 125 16.72 16.28 0.51
N VAL C 126 15.43 16.51 0.83
CA VAL C 126 14.38 16.56 -0.20
C VAL C 126 13.44 17.73 0.03
N ARG C 127 12.74 18.15 -1.04
CA ARG C 127 11.69 19.16 -0.97
C ARG C 127 10.57 18.80 -1.93
N PHE C 128 9.40 19.40 -1.72
CA PHE C 128 8.30 19.28 -2.68
C PHE C 128 8.34 20.55 -3.49
N TRP C 129 8.69 20.44 -4.76
CA TRP C 129 8.79 21.58 -5.63
C TRP C 129 7.91 21.39 -6.84
N GLY C 130 7.10 22.40 -7.12
CA GLY C 130 6.15 22.43 -8.22
C GLY C 130 5.08 21.37 -8.09
N THR C 131 5.30 20.24 -8.79
CA THR C 131 4.34 19.14 -8.83
C THR C 131 4.96 17.77 -8.40
N SER C 132 6.20 17.78 -7.84
CA SER C 132 6.89 16.55 -7.43
C SER C 132 7.91 16.73 -6.32
N TRP C 133 8.39 15.60 -5.78
CA TRP C 133 9.46 15.53 -4.81
C TRP C 133 10.79 15.60 -5.58
N GLN C 134 11.75 16.36 -5.07
CA GLN C 134 13.06 16.48 -5.70
C GLN C 134 14.14 16.53 -4.66
N THR C 135 15.32 15.95 -4.95
CA THR C 135 16.44 16.01 -4.02
C THR C 135 17.08 17.38 -4.11
N VAL C 136 17.59 17.86 -2.99
CA VAL C 136 18.24 19.17 -2.95
C VAL C 136 19.76 19.01 -3.16
N PRO C 137 20.53 20.09 -3.44
CA PRO C 137 21.98 19.93 -3.62
C PRO C 137 22.66 19.34 -2.37
N GLY C 138 23.59 18.42 -2.61
CA GLY C 138 24.31 17.73 -1.55
C GLY C 138 23.76 16.37 -1.19
N ALA C 139 22.47 16.12 -1.52
CA ALA C 139 21.77 14.86 -1.22
C ALA C 139 22.50 13.63 -1.83
N PRO C 140 22.51 12.47 -1.13
CA PRO C 140 23.21 11.29 -1.68
C PRO C 140 22.45 10.66 -2.85
N SER C 141 23.21 10.03 -3.75
CA SER C 141 22.74 9.40 -4.99
C SER C 141 21.77 8.25 -4.79
N TRP C 142 21.74 7.61 -3.61
CA TRP C 142 20.83 6.48 -3.41
C TRP C 142 19.39 6.94 -3.27
N LEU C 143 19.17 8.24 -3.00
CA LEU C 143 17.83 8.84 -2.83
C LEU C 143 17.07 8.99 -4.16
N ASP C 144 17.71 8.78 -5.32
CA ASP C 144 17.08 8.91 -6.63
C ASP C 144 15.91 7.91 -6.80
N LEU C 145 16.11 6.62 -6.42
CA LEU C 145 15.11 5.56 -6.52
C LEU C 145 13.87 5.80 -5.60
N PRO C 146 14.01 6.00 -4.25
CA PRO C 146 12.80 6.25 -3.44
C PRO C 146 12.02 7.45 -3.95
N ILE C 147 12.72 8.50 -4.47
CA ILE C 147 12.09 9.68 -5.06
C ILE C 147 11.15 9.26 -6.23
N LYS C 148 11.60 8.35 -7.11
CA LYS C 148 10.77 7.86 -8.24
C LYS C 148 9.57 7.05 -7.72
N VAL C 149 9.75 6.36 -6.58
CA VAL C 149 8.70 5.56 -5.93
C VAL C 149 7.68 6.52 -5.33
N LEU C 150 8.14 7.61 -4.68
CA LEU C 150 7.24 8.61 -4.11
C LEU C 150 6.51 9.40 -5.19
N ASN C 151 7.18 9.67 -6.35
CA ASN C 151 6.62 10.45 -7.46
C ASN C 151 5.60 9.69 -8.32
N ALA C 152 5.49 8.37 -8.13
CA ALA C 152 4.52 7.55 -8.84
C ALA C 152 3.15 7.64 -8.15
N ASP C 153 3.15 8.27 -6.97
CA ASP C 153 1.93 8.52 -6.19
C ASP C 153 1.39 9.90 -6.61
N GLN C 154 0.67 9.93 -7.75
CA GLN C 154 0.11 11.16 -8.31
C GLN C 154 -0.99 11.72 -7.41
N GLY C 155 -1.69 10.83 -6.67
CA GLY C 155 -2.74 11.19 -5.72
C GLY C 155 -2.25 12.11 -4.60
N THR C 156 -1.08 11.78 -3.99
CA THR C 156 -0.41 12.53 -2.94
C THR C 156 0.11 13.86 -3.50
N SER C 157 0.75 13.84 -4.71
CA SER C 157 1.26 15.05 -5.34
C SER C 157 0.15 16.10 -5.51
N ALA C 158 -1.05 15.67 -5.91
CA ALA C 158 -2.23 16.53 -6.06
C ALA C 158 -2.68 17.06 -4.68
N THR C 159 -2.58 16.23 -3.62
CA THR C 159 -2.97 16.60 -2.25
C THR C 159 -2.05 17.67 -1.71
N VAL C 160 -0.71 17.43 -1.75
CA VAL C 160 0.36 18.34 -1.29
C VAL C 160 0.30 19.67 -2.09
N GLN C 161 0.09 19.60 -3.42
CA GLN C 161 -0.09 20.77 -4.28
C GLN C 161 -1.26 21.64 -3.83
N MET C 162 -2.36 21.02 -3.35
CA MET C 162 -3.55 21.73 -2.87
C MET C 162 -3.31 22.37 -1.49
N LEU C 163 -2.59 21.64 -0.62
CA LEU C 163 -2.28 22.08 0.74
C LEU C 163 -1.26 23.22 0.72
N LEU C 164 -0.18 23.10 -0.06
CA LEU C 164 0.80 24.17 -0.14
C LEU C 164 0.28 25.37 -0.92
N ASN C 165 -0.26 25.16 -2.12
CA ASN C 165 -0.70 26.28 -2.97
C ASN C 165 -1.91 27.05 -2.44
N ASP C 166 -3.02 26.35 -2.12
CA ASP C 166 -4.28 26.97 -1.72
C ASP C 166 -4.63 26.86 -0.22
N THR C 167 -4.67 25.65 0.34
CA THR C 167 -5.12 25.39 1.72
C THR C 167 -4.31 26.15 2.79
N CYS C 168 -2.96 26.08 2.76
CA CYS C 168 -2.10 26.74 3.75
C CYS C 168 -2.34 28.27 3.81
N PRO C 169 -2.21 29.08 2.71
CA PRO C 169 -2.42 30.53 2.84
C PRO C 169 -3.80 30.88 3.36
N LEU C 170 -4.84 30.21 2.82
CA LEU C 170 -6.23 30.41 3.22
C LEU C 170 -6.40 30.17 4.72
N PHE C 171 -5.90 29.03 5.23
CA PHE C 171 -5.99 28.65 6.64
C PHE C 171 -5.34 29.67 7.56
N VAL C 172 -4.03 29.97 7.35
CA VAL C 172 -3.20 30.90 8.15
C VAL C 172 -3.85 32.28 8.19
N ARG C 173 -4.37 32.78 7.04
CA ARG C 173 -5.06 34.08 6.94
C ARG C 173 -6.28 34.14 7.86
N GLY C 174 -6.95 32.99 8.02
CA GLY C 174 -8.10 32.84 8.91
C GLY C 174 -7.66 32.77 10.35
N LEU C 175 -6.54 32.08 10.57
CA LEU C 175 -5.89 31.88 11.87
C LEU C 175 -5.38 33.22 12.46
N LEU C 176 -4.73 34.08 11.62
CA LEU C 176 -4.19 35.39 12.00
C LEU C 176 -5.31 36.35 12.43
N GLU C 177 -6.54 36.13 11.95
CA GLU C 177 -7.69 36.92 12.33
C GLU C 177 -8.30 36.38 13.62
N ALA C 178 -8.35 35.04 13.73
CA ALA C 178 -8.93 34.30 14.86
C ALA C 178 -8.12 34.44 16.15
N GLY C 179 -6.81 34.58 16.01
CA GLY C 179 -5.91 34.71 17.15
C GLY C 179 -5.08 35.97 17.27
N LYS C 180 -5.53 37.09 16.64
CA LYS C 180 -4.78 38.34 16.71
C LYS C 180 -4.72 38.90 18.15
N SER C 181 -5.73 38.62 19.00
CA SER C 181 -5.76 39.03 20.41
C SER C 181 -4.62 38.36 21.19
N ASP C 182 -4.27 37.13 20.80
CA ASP C 182 -3.18 36.33 21.38
C ASP C 182 -1.85 36.63 20.69
N LEU C 183 -1.88 36.94 19.40
CA LEU C 183 -0.66 37.23 18.65
C LEU C 183 -0.16 38.64 18.95
N GLU C 184 -1.06 39.56 19.39
CA GLU C 184 -0.66 40.95 19.68
C GLU C 184 -0.63 41.25 21.21
N LYS C 185 -0.55 40.17 22.06
CA LYS C 185 -0.50 40.26 23.52
C LYS C 185 0.80 40.92 24.00
N GLN C 186 0.68 41.74 25.04
CA GLN C 186 1.83 42.45 25.59
C GLN C 186 1.97 42.04 27.05
N GLU C 187 3.07 41.31 27.35
CA GLU C 187 3.36 40.84 28.70
C GLU C 187 4.56 41.56 29.26
N LYS C 188 4.34 42.29 30.37
CA LYS C 188 5.35 43.08 31.08
C LYS C 188 6.44 42.17 31.65
N PRO C 189 7.72 42.40 31.31
CA PRO C 189 8.79 41.62 31.94
C PRO C 189 8.94 41.99 33.42
N VAL C 190 9.64 41.13 34.16
CA VAL C 190 9.97 41.29 35.57
C VAL C 190 11.44 41.00 35.69
N ALA C 191 12.22 41.96 36.18
CA ALA C 191 13.65 41.72 36.28
C ALA C 191 14.08 41.57 37.71
N TRP C 192 15.26 40.98 37.90
CA TRP C 192 15.94 40.83 39.17
C TRP C 192 17.41 40.56 38.95
N LEU C 193 18.22 41.02 39.90
CA LEU C 193 19.68 40.98 39.93
C LEU C 193 20.21 39.97 40.92
N SER C 194 21.38 39.42 40.62
CA SER C 194 22.09 38.44 41.44
C SER C 194 23.55 38.43 41.00
N SER C 195 24.45 37.76 41.76
CA SER C 195 25.85 37.67 41.38
C SER C 195 26.51 36.36 41.81
N VAL C 196 27.61 36.00 41.11
CA VAL C 196 28.43 34.80 41.28
C VAL C 196 29.95 35.19 41.42
N PRO C 197 30.72 34.58 42.36
CA PRO C 197 32.15 34.94 42.51
C PRO C 197 33.07 34.10 41.61
N GLY C 202 39.85 38.01 41.78
CA GLY C 202 38.93 38.65 42.71
C GLY C 202 37.78 39.38 42.02
N HIS C 203 37.24 38.76 40.94
CA HIS C 203 36.16 39.26 40.07
C HIS C 203 34.82 38.58 40.33
N ARG C 204 33.74 39.39 40.43
CA ARG C 204 32.38 38.87 40.54
C ARG C 204 31.78 38.92 39.15
N GLN C 205 30.61 38.30 38.99
CA GLN C 205 29.84 38.35 37.76
C GLN C 205 28.41 38.63 38.17
N LEU C 206 27.95 39.84 37.83
CA LEU C 206 26.61 40.36 38.09
C LEU C 206 25.73 39.86 36.98
N VAL C 207 24.51 39.46 37.33
CA VAL C 207 23.52 38.88 36.41
C VAL C 207 22.17 39.59 36.51
N CYS C 208 21.61 39.96 35.37
CA CYS C 208 20.29 40.60 35.30
C CYS C 208 19.36 39.65 34.60
N HIS C 209 18.39 39.06 35.35
CA HIS C 209 17.42 38.12 34.84
C HIS C 209 16.20 38.87 34.45
N VAL C 210 15.65 38.61 33.25
CA VAL C 210 14.45 39.25 32.68
C VAL C 210 13.50 38.15 32.26
N SER C 211 12.26 38.12 32.83
CA SER C 211 11.32 37.04 32.60
C SER C 211 9.86 37.46 32.48
N GLY C 212 9.13 36.69 31.65
CA GLY C 212 7.70 36.81 31.41
C GLY C 212 7.32 37.86 30.40
N PHE C 213 8.27 38.27 29.55
CA PHE C 213 7.97 39.28 28.56
C PHE C 213 7.46 38.69 27.28
N TYR C 214 6.52 39.39 26.67
CA TYR C 214 6.00 39.03 25.36
C TYR C 214 5.63 40.32 24.65
N PRO C 215 6.13 40.58 23.41
CA PRO C 215 6.91 39.68 22.52
C PRO C 215 8.43 39.70 22.76
N LYS C 216 9.18 38.91 21.94
CA LYS C 216 10.64 38.67 21.96
C LYS C 216 11.51 39.95 22.00
N PRO C 217 11.32 40.99 21.15
CA PRO C 217 12.21 42.17 21.23
C PRO C 217 12.24 42.82 22.63
N VAL C 218 13.42 42.77 23.26
CA VAL C 218 13.69 43.36 24.56
C VAL C 218 15.08 44.01 24.47
N TRP C 219 15.36 45.01 25.33
CA TRP C 219 16.63 45.70 25.39
C TRP C 219 17.07 45.66 26.84
N VAL C 220 18.18 44.95 27.13
CA VAL C 220 18.76 44.81 28.46
C VAL C 220 20.23 45.30 28.45
N MET C 221 20.56 46.26 29.32
CA MET C 221 21.90 46.79 29.46
C MET C 221 22.25 47.07 30.89
N TRP C 222 23.50 46.81 31.24
CA TRP C 222 24.02 47.24 32.50
C TRP C 222 24.44 48.69 32.26
N MET C 223 23.96 49.61 33.10
CA MET C 223 24.25 51.04 33.00
C MET C 223 25.04 51.48 34.17
N ARG C 224 25.85 52.48 33.97
CA ARG C 224 26.55 53.20 35.02
C ARG C 224 26.22 54.64 34.67
N GLY C 225 25.16 55.12 35.32
CA GLY C 225 24.57 56.42 35.04
C GLY C 225 23.85 56.31 33.71
N ASP C 226 24.12 57.28 32.82
CA ASP C 226 23.57 57.31 31.47
C ASP C 226 24.48 56.55 30.47
N GLN C 227 25.61 55.98 30.98
CA GLN C 227 26.59 55.25 30.17
C GLN C 227 26.37 53.72 30.19
N GLU C 228 26.11 53.18 29.03
CA GLU C 228 25.96 51.75 28.79
C GLU C 228 27.28 51.04 29.04
N GLN C 229 27.24 49.90 29.71
CA GLN C 229 28.42 49.09 29.96
C GLN C 229 28.54 48.08 28.82
N GLN C 230 29.55 48.27 27.96
CA GLN C 230 29.78 47.48 26.76
C GLN C 230 30.22 46.04 27.04
N GLY C 231 30.51 45.75 28.32
CA GLY C 231 30.84 44.41 28.79
C GLY C 231 29.60 43.55 28.96
N THR C 232 28.40 44.13 28.77
CA THR C 232 27.14 43.41 28.91
C THR C 232 27.09 42.26 27.93
N HIS C 233 27.01 41.07 28.47
CA HIS C 233 26.89 39.86 27.71
C HIS C 233 25.46 39.36 27.86
N ARG C 234 24.68 39.50 26.79
CA ARG C 234 23.27 39.14 26.71
C ARG C 234 23.17 37.73 26.20
N GLY C 235 22.58 36.85 27.00
CA GLY C 235 22.45 35.43 26.64
C GLY C 235 21.42 35.16 25.57
N ASP C 236 21.09 33.88 25.37
CA ASP C 236 20.07 33.47 24.41
C ASP C 236 18.67 33.61 25.00
N PHE C 237 17.65 33.65 24.12
CA PHE C 237 16.25 33.68 24.53
C PHE C 237 15.86 32.26 24.84
N LEU C 238 15.38 32.01 26.06
CA LEU C 238 14.92 30.69 26.50
C LEU C 238 13.44 30.87 26.90
N PRO C 239 12.55 29.90 26.59
CA PRO C 239 11.13 30.12 26.85
C PRO C 239 10.64 29.72 28.21
N ASN C 240 9.57 30.34 28.66
CA ASN C 240 8.87 29.96 29.88
C ASN C 240 7.72 29.07 29.43
N ALA C 241 7.14 28.26 30.36
CA ALA C 241 6.01 27.35 30.02
C ALA C 241 4.73 28.07 29.51
N ASP C 242 4.51 29.36 29.88
CA ASP C 242 3.29 30.09 29.52
C ASP C 242 3.44 30.97 28.25
N GLU C 243 4.31 30.58 27.33
CA GLU C 243 4.53 31.26 26.06
C GLU C 243 4.92 32.76 26.28
N THR C 244 5.96 32.97 27.10
CA THR C 244 6.59 34.23 27.46
C THR C 244 8.08 33.95 27.39
N TRP C 245 8.91 34.98 27.33
CA TRP C 245 10.34 34.77 27.22
C TRP C 245 11.12 35.11 28.47
N TYR C 246 12.31 34.54 28.54
CA TYR C 246 13.32 34.73 29.59
C TYR C 246 14.67 35.08 28.93
N LEU C 247 15.30 36.13 29.39
CA LEU C 247 16.61 36.56 28.92
C LEU C 247 17.47 37.01 30.10
N GLN C 248 18.78 36.70 30.10
CA GLN C 248 19.61 37.22 31.17
C GLN C 248 20.84 37.91 30.57
N ALA C 249 21.31 38.98 31.22
CA ALA C 249 22.45 39.78 30.76
C ALA C 249 23.47 39.89 31.87
N THR C 250 24.70 39.45 31.61
CA THR C 250 25.71 39.45 32.65
C THR C 250 26.75 40.52 32.40
N LEU C 251 27.43 40.95 33.48
CA LEU C 251 28.49 41.92 33.45
C LEU C 251 29.58 41.45 34.40
N ASP C 252 30.83 41.35 33.89
CA ASP C 252 31.95 40.96 34.72
C ASP C 252 32.64 42.22 35.21
N VAL C 253 32.70 42.37 36.54
CA VAL C 253 33.25 43.55 37.22
C VAL C 253 34.31 43.18 38.25
N GLU C 254 35.25 44.10 38.48
CA GLU C 254 36.26 44.00 39.52
C GLU C 254 35.59 44.33 40.87
N ALA C 255 36.10 43.76 41.97
CA ALA C 255 35.51 43.94 43.30
C ALA C 255 35.52 45.41 43.73
N GLY C 256 34.41 45.83 44.34
CA GLY C 256 34.21 47.18 44.83
C GLY C 256 33.70 48.16 43.79
N GLU C 257 33.74 47.76 42.51
CA GLU C 257 33.26 48.59 41.40
C GLU C 257 31.83 48.20 41.00
N GLU C 258 31.14 47.42 41.85
CA GLU C 258 29.75 47.02 41.67
C GLU C 258 28.81 48.18 41.96
N ALA C 259 29.29 49.14 42.79
CA ALA C 259 28.58 50.34 43.21
C ALA C 259 28.32 51.27 42.03
N GLY C 260 27.07 51.68 41.90
CA GLY C 260 26.62 52.58 40.84
C GLY C 260 26.09 51.87 39.62
N LEU C 261 26.13 50.54 39.66
CA LEU C 261 25.68 49.71 38.55
C LEU C 261 24.20 49.43 38.66
N ALA C 262 23.53 49.54 37.52
CA ALA C 262 22.11 49.33 37.42
C ALA C 262 21.84 48.57 36.16
N CYS C 263 20.69 47.90 36.10
CA CYS C 263 20.28 47.15 34.94
C CYS C 263 19.01 47.75 34.40
N ARG C 264 19.04 48.25 33.15
CA ARG C 264 17.88 48.88 32.52
C ARG C 264 17.22 47.95 31.50
N VAL C 265 15.89 47.77 31.63
CA VAL C 265 15.06 46.91 30.78
C VAL C 265 14.09 47.74 30.02
N LYS C 266 14.07 47.60 28.68
CA LYS C 266 13.19 48.30 27.74
C LYS C 266 12.33 47.28 26.96
N HIS C 267 11.02 47.52 26.90
CA HIS C 267 10.04 46.62 26.26
C HIS C 267 8.79 47.39 25.91
N SER C 268 8.12 46.92 24.85
CA SER C 268 6.89 47.46 24.28
C SER C 268 5.74 47.54 25.30
N SER C 269 5.59 46.51 26.15
CA SER C 269 4.52 46.44 27.15
C SER C 269 4.65 47.47 28.32
N LEU C 270 5.86 48.06 28.53
CA LEU C 270 6.14 49.01 29.62
C LEU C 270 5.75 50.48 29.30
N GLY C 271 5.50 50.77 28.03
CA GLY C 271 5.10 52.09 27.55
C GLY C 271 6.05 53.26 27.81
N GLY C 272 7.32 53.10 27.41
CA GLY C 272 8.35 54.11 27.61
C GLY C 272 8.78 54.32 29.05
N GLN C 273 8.40 53.40 29.95
CA GLN C 273 8.76 53.45 31.36
C GLN C 273 9.64 52.25 31.66
N ASP C 274 10.94 52.41 31.41
CA ASP C 274 11.93 51.36 31.58
C ASP C 274 12.03 50.84 33.03
N ILE C 275 12.36 49.56 33.18
CA ILE C 275 12.66 48.98 34.49
C ILE C 275 14.12 49.33 34.73
N ILE C 276 14.45 49.83 35.92
CA ILE C 276 15.83 50.19 36.28
C ILE C 276 16.05 49.58 37.65
N LEU C 277 16.95 48.58 37.71
CA LEU C 277 17.24 47.88 38.96
C LEU C 277 18.62 48.25 39.41
N TYR C 278 18.75 48.76 40.64
CA TYR C 278 20.04 49.24 41.15
C TYR C 278 20.77 48.20 41.97
N TRP C 279 22.06 48.10 41.74
CA TRP C 279 22.88 47.14 42.46
C TRP C 279 23.31 47.72 43.81
N GLY C 280 22.88 47.05 44.88
CA GLY C 280 23.15 47.42 46.26
C GLY C 280 23.66 46.25 47.07
N GLN D 2 25.24 12.88 15.20
CA GLN D 2 24.85 12.83 16.60
C GLN D 2 25.25 14.10 17.31
N LYS D 3 24.31 14.70 18.04
CA LYS D 3 24.58 15.97 18.71
C LYS D 3 24.26 15.90 20.21
N THR D 4 25.23 16.37 21.04
CA THR D 4 25.13 16.40 22.51
C THR D 4 24.20 17.56 23.00
N PRO D 5 23.26 17.28 23.95
CA PRO D 5 22.35 18.34 24.43
C PRO D 5 23.02 19.41 25.30
N GLN D 6 22.41 20.61 25.34
CA GLN D 6 22.80 21.77 26.14
C GLN D 6 21.68 22.02 27.14
N ILE D 7 21.98 21.95 28.44
CA ILE D 7 20.96 22.08 29.50
C ILE D 7 21.04 23.45 30.19
N GLN D 8 19.87 24.12 30.35
CA GLN D 8 19.75 25.44 31.02
C GLN D 8 18.61 25.40 32.00
N VAL D 9 18.92 25.67 33.28
CA VAL D 9 17.99 25.63 34.41
C VAL D 9 17.79 27.04 34.96
N TYR D 10 16.53 27.53 34.90
CA TYR D 10 16.14 28.87 35.35
C TYR D 10 14.73 28.85 35.96
N SER D 11 14.42 29.83 36.83
CA SER D 11 13.12 29.97 37.50
C SER D 11 12.28 30.98 36.75
N ARG D 12 10.97 30.83 36.79
CA ARG D 12 10.03 31.70 36.08
C ARG D 12 9.90 33.09 36.74
N HIS D 13 9.75 33.14 38.07
CA HIS D 13 9.58 34.41 38.78
C HIS D 13 10.78 34.68 39.72
N PRO D 14 11.08 35.95 40.12
CA PRO D 14 12.20 36.16 41.06
C PRO D 14 12.16 35.18 42.24
N PRO D 15 13.26 34.42 42.52
CA PRO D 15 13.22 33.43 43.59
C PRO D 15 13.18 34.04 45.00
N GLU D 16 12.07 33.78 45.71
CA GLU D 16 11.83 34.24 47.08
C GLU D 16 11.70 33.01 47.95
N ASN D 17 12.64 32.82 48.88
CA ASN D 17 12.60 31.66 49.77
C ASN D 17 11.21 31.50 50.40
N GLY D 18 10.66 30.29 50.27
CA GLY D 18 9.36 29.91 50.80
C GLY D 18 8.16 30.34 49.96
N LYS D 19 8.40 30.77 48.71
CA LYS D 19 7.33 31.21 47.83
C LYS D 19 7.25 30.36 46.56
N PRO D 20 6.04 29.85 46.21
CA PRO D 20 5.88 29.01 45.01
C PRO D 20 6.33 29.68 43.72
N ASN D 21 7.09 28.93 42.94
CA ASN D 21 7.74 29.32 41.71
C ASN D 21 7.68 28.16 40.74
N ILE D 22 8.15 28.37 39.50
CA ILE D 22 8.22 27.34 38.47
C ILE D 22 9.66 27.22 38.03
N LEU D 23 10.25 26.02 38.20
CA LEU D 23 11.61 25.76 37.74
C LEU D 23 11.52 25.23 36.34
N ASN D 24 12.28 25.83 35.42
CA ASN D 24 12.31 25.44 34.01
C ASN D 24 13.65 24.81 33.65
N CYS D 25 13.61 23.75 32.84
CA CYS D 25 14.80 23.09 32.33
C CYS D 25 14.73 22.95 30.79
N TYR D 26 15.41 23.89 30.11
CA TYR D 26 15.47 23.98 28.65
C TYR D 26 16.62 23.12 28.14
N VAL D 27 16.28 22.08 27.37
CA VAL D 27 17.27 21.17 26.78
C VAL D 27 17.25 21.35 25.26
N THR D 28 18.40 21.67 24.69
CA THR D 28 18.51 22.00 23.27
C THR D 28 19.68 21.37 22.58
N GLN D 29 19.74 21.58 21.25
CA GLN D 29 20.80 21.21 20.32
C GLN D 29 21.13 19.70 20.28
N PHE D 30 20.16 18.82 20.65
CA PHE D 30 20.36 17.37 20.61
C PHE D 30 19.79 16.68 19.34
N HIS D 31 20.30 15.45 19.07
CA HIS D 31 19.99 14.56 17.94
C HIS D 31 20.63 13.20 18.23
N PRO D 32 19.89 12.06 18.21
CA PRO D 32 18.47 11.83 17.87
C PRO D 32 17.48 12.46 18.86
N PRO D 33 16.15 12.43 18.62
CA PRO D 33 15.21 13.05 19.59
C PRO D 33 15.00 12.26 20.89
N HIS D 34 15.41 10.98 20.91
CA HIS D 34 15.21 10.17 22.12
CA HIS D 34 15.24 10.12 22.08
C HIS D 34 16.17 10.62 23.21
N ILE D 35 15.54 11.19 24.25
CA ILE D 35 16.12 11.78 25.45
C ILE D 35 15.24 11.41 26.67
N GLU D 36 15.81 11.46 27.87
CA GLU D 36 15.16 11.17 29.14
C GLU D 36 15.54 12.31 30.10
N ILE D 37 14.54 13.08 30.54
CA ILE D 37 14.78 14.22 31.42
C ILE D 37 14.08 14.05 32.78
N GLN D 38 14.87 14.13 33.84
CA GLN D 38 14.43 14.05 35.24
C GLN D 38 14.72 15.36 35.97
N MET D 39 13.75 15.82 36.77
CA MET D 39 13.92 17.00 37.63
C MET D 39 13.96 16.48 39.07
N LEU D 40 15.06 16.81 39.77
CA LEU D 40 15.34 16.29 41.12
C LEU D 40 15.45 17.35 42.19
N LYS D 41 14.69 17.15 43.27
CA LYS D 41 14.69 17.97 44.49
C LYS D 41 15.47 17.16 45.51
N ASN D 42 16.66 17.63 45.87
CA ASN D 42 17.56 16.93 46.80
C ASN D 42 17.78 15.49 46.31
N GLY D 43 18.19 15.34 45.05
CA GLY D 43 18.47 14.04 44.43
C GLY D 43 17.30 13.12 44.11
N LYS D 44 16.08 13.40 44.60
CA LYS D 44 14.94 12.53 44.34
C LYS D 44 14.09 13.10 43.21
N LYS D 45 13.64 12.20 42.30
CA LYS D 45 12.81 12.49 41.11
C LYS D 45 11.44 13.09 41.48
N ILE D 46 11.18 14.33 41.02
CA ILE D 46 9.93 15.08 41.23
C ILE D 46 8.79 14.38 40.42
N PRO D 47 7.71 13.96 41.11
CA PRO D 47 6.65 13.18 40.41
C PRO D 47 5.68 13.76 39.32
N LYS D 48 5.12 14.97 39.49
CA LYS D 48 4.24 15.49 38.46
C LYS D 48 4.98 16.53 37.60
N VAL D 49 6.09 16.11 36.94
CA VAL D 49 6.88 17.00 36.07
C VAL D 49 6.20 17.05 34.72
N GLU D 50 5.92 18.27 34.23
CA GLU D 50 5.26 18.57 32.97
C GLU D 50 6.31 18.88 31.93
N MET D 51 6.13 18.34 30.72
CA MET D 51 7.09 18.54 29.62
C MET D 51 6.42 19.05 28.35
N SER D 52 7.07 20.03 27.70
CA SER D 52 6.58 20.61 26.45
C SER D 52 6.62 19.59 25.33
N ASP D 53 5.98 19.93 24.22
CA ASP D 53 6.01 19.04 23.06
C ASP D 53 7.38 19.19 22.38
N MET D 54 8.02 18.08 21.99
CA MET D 54 9.31 18.20 21.34
C MET D 54 9.16 18.86 19.99
N SER D 55 10.07 19.79 19.73
CA SER D 55 10.15 20.59 18.52
C SER D 55 11.62 20.68 18.09
N PHE D 56 11.86 21.25 16.91
CA PHE D 56 13.20 21.43 16.40
C PHE D 56 13.38 22.83 15.80
N SER D 57 14.63 23.25 15.75
CA SER D 57 15.08 24.52 15.26
C SER D 57 15.38 24.52 13.75
N LYS D 58 15.79 25.68 13.22
CA LYS D 58 16.13 25.87 11.80
C LYS D 58 17.23 24.93 11.39
N ASP D 59 18.12 24.54 12.33
CA ASP D 59 19.26 23.64 12.08
C ASP D 59 18.87 22.14 12.21
N TRP D 60 17.56 21.84 12.45
CA TRP D 60 17.00 20.48 12.54
C TRP D 60 17.30 19.75 13.88
N SER D 61 18.04 20.38 14.82
CA SER D 61 18.33 19.81 16.15
C SER D 61 17.10 19.94 17.02
N PHE D 62 16.91 19.02 17.96
CA PHE D 62 15.71 19.06 18.80
C PHE D 62 15.87 19.93 20.06
N TYR D 63 14.72 20.45 20.57
CA TYR D 63 14.62 21.21 21.80
C TYR D 63 13.36 20.82 22.54
N ILE D 64 13.42 20.82 23.88
CA ILE D 64 12.29 20.48 24.75
C ILE D 64 12.40 21.21 26.08
N LEU D 65 11.26 21.53 26.69
CA LEU D 65 11.27 22.22 27.97
C LEU D 65 10.51 21.41 29.02
N ALA D 66 11.18 21.15 30.15
CA ALA D 66 10.59 20.51 31.32
C ALA D 66 10.38 21.56 32.40
N HIS D 67 9.23 21.55 33.07
CA HIS D 67 8.97 22.51 34.14
C HIS D 67 8.12 21.87 35.21
N THR D 68 8.31 22.35 36.45
CA THR D 68 7.66 21.88 37.67
C THR D 68 7.46 23.04 38.65
N GLU D 69 6.45 22.92 39.50
CA GLU D 69 6.19 23.85 40.57
C GLU D 69 7.23 23.57 41.65
N PHE D 70 7.90 24.58 42.12
CA PHE D 70 8.88 24.36 43.18
C PHE D 70 8.84 25.55 44.11
N THR D 71 9.31 25.36 45.34
CA THR D 71 9.39 26.41 46.34
C THR D 71 10.84 26.45 46.82
N PRO D 72 11.59 27.50 46.42
CA PRO D 72 12.98 27.62 46.88
C PRO D 72 13.07 27.77 48.38
N THR D 73 14.08 27.12 48.99
CA THR D 73 14.36 27.20 50.42
C THR D 73 15.87 27.33 50.60
N GLU D 74 16.31 27.51 51.86
CA GLU D 74 17.73 27.61 52.24
C GLU D 74 18.39 26.23 52.24
N THR D 75 17.59 25.21 52.55
CA THR D 75 18.01 23.81 52.73
C THR D 75 17.98 22.97 51.43
N ASP D 76 16.97 23.17 50.53
CA ASP D 76 16.75 22.36 49.32
C ASP D 76 17.61 22.75 48.10
N THR D 77 18.00 21.73 47.31
CA THR D 77 18.80 21.81 46.08
C THR D 77 17.97 21.26 44.93
N TYR D 78 17.86 21.98 43.80
CA TYR D 78 17.06 21.55 42.65
C TYR D 78 17.95 21.32 41.44
N ALA D 79 17.76 20.19 40.74
CA ALA D 79 18.59 19.86 39.58
C ALA D 79 17.77 19.25 38.43
N CYS D 80 18.42 19.19 37.27
CA CYS D 80 17.92 18.64 36.02
C CYS D 80 18.93 17.61 35.48
N ARG D 81 18.56 16.31 35.44
CA ARG D 81 19.39 15.21 34.95
C ARG D 81 18.97 14.81 33.53
N VAL D 82 19.93 14.63 32.62
CA VAL D 82 19.63 14.32 31.22
C VAL D 82 20.45 13.12 30.71
N LYS D 83 19.74 12.15 30.12
CA LYS D 83 20.31 10.97 29.48
C LYS D 83 20.07 11.08 27.97
N HIS D 84 21.13 10.92 27.17
CA HIS D 84 21.08 10.97 25.70
C HIS D 84 22.22 10.13 25.16
N ALA D 85 21.97 9.38 24.06
CA ALA D 85 22.92 8.49 23.39
C ALA D 85 24.30 9.14 23.16
N SER D 86 24.33 10.47 22.92
CA SER D 86 25.53 11.27 22.68
C SER D 86 26.39 11.46 23.95
N MET D 87 25.95 10.89 25.10
CA MET D 87 26.64 10.97 26.40
C MET D 87 26.74 9.60 27.01
N ALA D 88 27.92 9.27 27.56
CA ALA D 88 28.16 7.99 28.23
C ALA D 88 27.54 7.99 29.64
N GLU D 89 27.70 9.13 30.35
CA GLU D 89 27.17 9.33 31.70
C GLU D 89 26.13 10.48 31.73
N PRO D 90 25.00 10.29 32.46
CA PRO D 90 23.98 11.36 32.55
C PRO D 90 24.51 12.68 33.12
N LYS D 91 24.19 13.79 32.42
CA LYS D 91 24.60 15.14 32.78
C LYS D 91 23.57 15.79 33.69
N THR D 92 24.03 16.31 34.84
CA THR D 92 23.19 16.98 35.83
C THR D 92 23.60 18.45 35.91
N VAL D 93 22.60 19.32 35.91
CA VAL D 93 22.80 20.76 36.05
C VAL D 93 22.02 21.20 37.30
N TYR D 94 22.69 21.92 38.20
CA TYR D 94 22.03 22.39 39.40
C TYR D 94 21.49 23.81 39.24
N TRP D 95 20.35 24.06 39.87
CA TRP D 95 19.78 25.39 39.90
C TRP D 95 20.53 26.21 40.94
N ASP D 96 21.10 27.32 40.46
CA ASP D 96 21.82 28.27 41.26
C ASP D 96 21.15 29.60 41.02
N ARG D 97 20.32 30.00 41.96
CA ARG D 97 19.55 31.25 41.94
C ARG D 97 20.42 32.46 41.58
N ASP D 98 21.72 32.39 41.96
CA ASP D 98 22.76 33.41 41.80
C ASP D 98 23.35 33.44 40.39
N MET D 99 23.14 32.37 39.58
CA MET D 99 23.63 32.25 38.21
C MET D 99 22.69 32.95 37.25
C1 NAG E . 1.05 24.61 -7.31
C2 NAG E . 0.46 24.19 -8.65
C3 NAG E . 1.55 23.77 -9.62
C4 NAG E . 2.64 24.85 -9.74
C5 NAG E . 3.14 25.22 -8.35
C6 NAG E . 4.14 26.37 -8.35
C7 NAG E . -1.83 23.25 -8.45
C8 NAG E . -2.62 22.02 -8.10
N2 NAG E . -0.49 23.10 -8.43
O3 NAG E . 0.93 23.50 -10.87
O4 NAG E . 3.76 24.36 -10.49
O5 NAG E . 2.04 25.64 -7.53
O6 NAG E . 5.07 26.27 -7.25
O7 NAG E . -2.37 24.31 -8.75
C1 NAG E . 3.85 24.60 -11.90
C2 NAG E . 5.27 24.23 -12.34
C3 NAG E . 5.41 24.33 -13.86
C4 NAG E . 4.36 23.47 -14.56
C5 NAG E . 2.96 23.80 -14.04
C6 NAG E . 1.89 22.84 -14.51
C7 NAG E . 7.27 24.54 -10.93
C8 NAG E . 8.04 25.52 -10.10
N2 NAG E . 6.27 25.05 -11.66
O3 NAG E . 6.70 23.92 -14.25
O4 NAG E . 4.43 23.61 -15.97
O5 NAG E . 2.94 23.73 -12.59
O6 NAG E . 1.85 21.65 -13.72
O7 NAG E . 7.55 23.34 -10.95
C1 NAG F . 12.83 -2.54 18.30
C2 NAG F . 13.31 -3.71 19.17
C3 NAG F . 12.93 -3.56 20.64
C4 NAG F . 13.36 -2.18 21.16
C5 NAG F . 12.70 -1.10 20.29
C6 NAG F . 13.10 0.30 20.68
C7 NAG F . 13.58 -5.76 17.81
C8 NAG F . 12.97 -7.06 17.41
N2 NAG F . 12.86 -4.99 18.65
O3 NAG F . 13.56 -4.60 21.40
O4 NAG F . 13.02 -2.02 22.54
O5 NAG F . 13.10 -1.27 18.93
O6 NAG F . 14.42 0.63 20.24
O7 NAG F . 14.69 -5.41 17.40
C1 NAG G . 2.43 4.61 17.20
C2 NAG G . 2.92 3.42 18.03
C3 NAG G . 2.76 2.14 17.21
C4 NAG G . 1.31 1.94 16.80
C5 NAG G . 0.79 3.18 16.06
C6 NAG G . -0.70 3.14 15.80
C7 NAG G . 4.59 3.96 19.75
C8 NAG G . 6.01 3.71 20.17
N2 NAG G . 4.29 3.57 18.50
O3 NAG G . 3.21 1.02 17.97
O4 NAG G . 1.19 0.76 16.02
O5 NAG G . 1.04 4.37 16.84
O6 NAG G . -1.09 1.98 15.07
O7 NAG G . 3.77 4.48 20.49
O4 SRV H . -8.03 13.35 -0.01
C4 SRV H . -7.23 12.15 0.00
C3 SRV H . -5.92 12.42 -0.74
O3 SRV H . -6.17 12.66 -2.17
C2 SRV H . -5.08 11.20 -0.58
O2 SRV H . -3.80 11.43 -1.25
C1 SRV H . -4.83 10.94 0.90
O1 SRV H . -4.24 12.09 1.49
O5 SRV H . -6.08 10.65 1.55
C5 SRV H . -6.93 11.80 1.47
C6 SRV H . -8.25 11.51 2.19
O6A SRV H . -8.94 12.49 2.56
O6B SRV H . -8.59 10.31 2.37
C7 SRV H . -3.30 11.68 2.52
O7 SRV H . -0.64 9.87 1.95
C8 SRV H . -1.86 11.87 2.04
O8 SRV H . -1.70 13.19 1.47
C9 SRV H . -1.37 10.78 1.12
O9 SRV H . -1.96 14.60 3.30
C10 SRV H . -0.13 8.78 1.30
O10 SRV H . -0.82 7.87 0.83
C11 SRV H . 1.41 8.71 1.25
C12 SRV H . 2.11 9.24 2.53
C13 SRV H . 3.64 9.21 2.37
C14 SRV H . 4.16 10.40 1.56
C15 SRV H . 5.05 11.29 2.43
C16 SRV H . 6.39 11.59 1.73
C17 SRV H . 7.49 10.75 2.39
C18 SRV H . 8.63 11.65 2.86
C19 SRV H . 9.81 11.56 1.87
C20 SRV H . 11.11 11.21 2.62
C21 SRV H . 12.22 10.77 1.65
C22 SRV H . 13.39 10.21 2.44
C23 SRV H . 13.64 8.78 1.97
C24 SRV H . 14.71 8.13 2.84
C25 SRV H . 14.23 6.78 3.35
C26 SRV H . -1.26 14.12 2.40
C27 SRV H . 0.19 14.57 2.20
C28 SRV H . 0.43 15.80 3.13
C29 SRV H . 1.89 15.88 3.62
C30 SRV H . 1.95 16.72 4.91
C31 SRV H . 2.61 18.08 4.64
C32 SRV H . 1.95 19.17 5.51
C33 SRV H . 1.53 20.39 4.66
C34 SRV H . 1.13 21.55 5.60
C35 SRV H . 0.01 22.38 4.97
C36 SRV H . -1.31 22.04 5.68
C37 SRV H . -1.99 23.33 6.18
C38 SRV H . -3.23 22.95 7.00
C39 SRV H . -2.93 23.16 8.49
C40 SRV H . -3.80 22.25 9.38
C41 SRV H . -3.16 22.09 10.78
C42 SRV H . -2.25 20.85 10.85
C43 SRV H . 16.08 5.04 3.51
C44 SRV H . 14.98 5.65 2.62
C45 SRV H . 9.93 12.92 1.18
#